data_3BUA
#
_entry.id   3BUA
#
_cell.length_a   109.947
_cell.length_b   109.947
_cell.length_c   130.830
_cell.angle_alpha   90.00
_cell.angle_beta   90.00
_cell.angle_gamma   120.00
#
_symmetry.space_group_name_H-M   'P 32 2 1'
#
loop_
_entity.id
_entity.type
_entity.pdbx_description
1 polymer 'Telomeric repeat-binding factor 2'
2 polymer 'DNA cross-link repair 1B protein'
3 water water
#
loop_
_entity_poly.entity_id
_entity_poly.type
_entity_poly.pdbx_seq_one_letter_code
_entity_poly.pdbx_strand_id
1 'polypeptide(L)'
;GAGEARLEEAVNRWVLKFYFHEALRAFRGSRYGDFRQIRDIMQALLVRPLGKEHTVSRLLRVMQCLSRIEEGENLDCSFD
MEAELTPLESAINVLEMIKTEFTLTEAVVESSRKLVKEAAVIICIKNKEFEKASKILKKHMSKDPTTQKLRNDLLNIIRE
KNLAHPVIQNFSYETFQQKMLRFLESHLDDAEPYLLTMAKKALK
;
A,B,C,D
2 'polypeptide(L)' SEFRGLALKYLLTPVNFFQAGYSSRRFDQQVEKYHK E,F,G,H
#
# COMPACT_ATOMS: atom_id res chain seq x y z
N GLY A 3 1.63 -25.18 3.36
CA GLY A 3 2.06 -26.15 2.32
C GLY A 3 1.89 -25.57 0.93
N GLU A 4 0.67 -25.64 0.41
CA GLU A 4 0.37 -25.09 -0.91
C GLU A 4 0.87 -23.65 -0.94
N ALA A 5 1.07 -23.10 0.26
CA ALA A 5 1.56 -21.74 0.43
C ALA A 5 3.08 -21.70 0.45
N ARG A 6 3.69 -22.70 1.09
CA ARG A 6 5.14 -22.78 1.17
C ARG A 6 5.65 -23.21 -0.20
N LEU A 7 4.72 -23.66 -1.03
CA LEU A 7 5.04 -24.11 -2.38
C LEU A 7 5.16 -22.94 -3.34
N GLU A 8 4.30 -21.93 -3.18
CA GLU A 8 4.36 -20.76 -4.04
C GLU A 8 5.66 -20.03 -3.75
N GLU A 9 5.97 -19.87 -2.45
CA GLU A 9 7.19 -19.20 -2.03
C GLU A 9 8.42 -19.74 -2.74
N ALA A 10 8.51 -21.07 -2.81
CA ALA A 10 9.63 -21.72 -3.46
C ALA A 10 9.70 -21.46 -4.96
N VAL A 11 8.54 -21.37 -5.60
CA VAL A 11 8.51 -21.10 -7.04
C VAL A 11 8.79 -19.62 -7.23
N ASN A 12 8.25 -18.80 -6.33
CA ASN A 12 8.46 -17.36 -6.39
C ASN A 12 9.95 -17.06 -6.26
N ARG A 13 10.65 -17.90 -5.50
CA ARG A 13 12.08 -17.72 -5.32
C ARG A 13 12.78 -18.10 -6.61
N TRP A 14 12.40 -19.24 -7.19
CA TRP A 14 12.99 -19.70 -8.44
C TRP A 14 12.75 -18.68 -9.56
N VAL A 15 11.51 -18.22 -9.64
CA VAL A 15 11.11 -17.26 -10.66
C VAL A 15 11.87 -15.96 -10.53
N LEU A 16 12.03 -15.48 -9.30
CA LEU A 16 12.73 -14.23 -9.08
C LEU A 16 14.18 -14.38 -9.57
N LYS A 17 14.84 -15.43 -9.11
CA LYS A 17 16.23 -15.69 -9.47
C LYS A 17 16.41 -15.89 -10.97
N PHE A 18 15.51 -16.64 -11.59
CA PHE A 18 15.61 -16.88 -13.03
C PHE A 18 15.52 -15.58 -13.82
N TYR A 19 14.53 -14.76 -13.50
CA TYR A 19 14.35 -13.49 -14.19
C TYR A 19 15.45 -12.45 -13.95
N PHE A 20 16.11 -12.54 -12.80
CA PHE A 20 17.20 -11.62 -12.49
C PHE A 20 18.35 -11.93 -13.44
N HIS A 21 18.54 -13.22 -13.72
CA HIS A 21 19.57 -13.65 -14.64
C HIS A 21 19.28 -13.14 -16.03
N GLU A 22 18.04 -13.31 -16.47
CA GLU A 22 17.64 -12.83 -17.80
C GLU A 22 17.75 -11.31 -17.83
N ALA A 23 17.58 -10.68 -16.67
CA ALA A 23 17.69 -9.22 -16.59
C ALA A 23 19.15 -8.82 -16.81
N LEU A 24 20.08 -9.55 -16.19
CA LEU A 24 21.50 -9.28 -16.33
C LEU A 24 21.94 -9.57 -17.77
N ARG A 25 21.40 -10.63 -18.35
CA ARG A 25 21.74 -11.01 -19.71
C ARG A 25 21.33 -9.92 -20.70
N ALA A 26 20.13 -9.38 -20.51
CA ALA A 26 19.62 -8.32 -21.38
C ALA A 26 20.41 -7.03 -21.20
N PHE A 27 20.73 -6.69 -19.96
CA PHE A 27 21.50 -5.47 -19.68
C PHE A 27 22.88 -5.63 -20.31
N ARG A 28 23.47 -6.81 -20.09
CA ARG A 28 24.79 -7.14 -20.62
C ARG A 28 24.81 -7.00 -22.14
N GLY A 29 23.71 -7.36 -22.79
CA GLY A 29 23.62 -7.28 -24.24
C GLY A 29 23.06 -5.96 -24.72
N SER A 30 22.87 -5.03 -23.80
CA SER A 30 22.35 -3.70 -24.11
C SER A 30 20.91 -3.71 -24.64
N ARG A 31 20.12 -4.68 -24.16
CA ARG A 31 18.72 -4.80 -24.56
C ARG A 31 17.94 -4.26 -23.36
N TYR A 32 17.98 -2.94 -23.20
CA TYR A 32 17.34 -2.26 -22.08
C TYR A 32 15.81 -2.30 -22.02
N GLY A 33 15.16 -2.56 -23.15
CA GLY A 33 13.71 -2.64 -23.15
C GLY A 33 13.33 -3.97 -22.50
N ASP A 34 14.07 -5.02 -22.88
CA ASP A 34 13.84 -6.35 -22.33
C ASP A 34 14.07 -6.27 -20.84
N PHE A 35 15.15 -5.59 -20.45
CA PHE A 35 15.51 -5.42 -19.05
C PHE A 35 14.36 -4.79 -18.28
N ARG A 36 13.84 -3.68 -18.81
CA ARG A 36 12.74 -2.96 -18.17
C ARG A 36 11.52 -3.87 -18.02
N GLN A 37 11.27 -4.70 -19.05
CA GLN A 37 10.13 -5.62 -19.02
C GLN A 37 10.28 -6.70 -17.97
N ILE A 38 11.50 -7.22 -17.82
CA ILE A 38 11.76 -8.26 -16.82
C ILE A 38 11.73 -7.59 -15.45
N ARG A 39 12.15 -6.33 -15.40
CA ARG A 39 12.16 -5.56 -14.17
C ARG A 39 10.73 -5.45 -13.62
N ASP A 40 9.77 -5.17 -14.50
CA ASP A 40 8.37 -5.04 -14.08
C ASP A 40 7.81 -6.38 -13.61
N ILE A 41 8.28 -7.47 -14.21
CA ILE A 41 7.83 -8.79 -13.81
C ILE A 41 8.30 -9.00 -12.38
N MET A 42 9.60 -8.77 -12.16
CA MET A 42 10.18 -8.92 -10.83
C MET A 42 9.51 -8.00 -9.81
N GLN A 43 9.18 -6.79 -10.22
CA GLN A 43 8.51 -5.85 -9.32
C GLN A 43 7.16 -6.41 -8.90
N ALA A 44 6.40 -6.92 -9.87
CA ALA A 44 5.08 -7.48 -9.60
C ALA A 44 5.20 -8.67 -8.64
N LEU A 45 6.31 -9.38 -8.74
CA LEU A 45 6.57 -10.55 -7.91
C LEU A 45 6.87 -10.23 -6.44
N LEU A 46 7.42 -9.05 -6.18
CA LEU A 46 7.78 -8.65 -4.83
C LEU A 46 6.62 -8.57 -3.83
N VAL A 47 5.39 -8.46 -4.34
CA VAL A 47 4.23 -8.38 -3.45
C VAL A 47 3.89 -9.75 -2.91
N ARG A 48 4.40 -10.78 -3.59
CA ARG A 48 4.14 -12.14 -3.18
C ARG A 48 5.14 -12.63 -2.15
N PRO A 49 4.77 -13.69 -1.41
CA PRO A 49 5.60 -14.31 -0.38
C PRO A 49 6.84 -14.94 -1.00
N LEU A 50 7.99 -14.67 -0.40
CA LEU A 50 9.26 -15.20 -0.87
C LEU A 50 9.93 -16.00 0.24
N GLY A 51 9.28 -16.00 1.39
CA GLY A 51 9.81 -16.72 2.53
C GLY A 51 11.18 -16.22 2.95
N LYS A 52 12.23 -16.77 2.34
CA LYS A 52 13.59 -16.44 2.68
C LYS A 52 14.17 -15.17 2.03
N GLU A 53 13.95 -14.05 2.72
CA GLU A 53 14.41 -12.73 2.29
C GLU A 53 15.91 -12.70 1.99
N HIS A 54 16.70 -13.01 3.01
CA HIS A 54 18.15 -13.03 2.92
C HIS A 54 18.67 -13.80 1.72
N THR A 55 17.78 -14.52 1.04
CA THR A 55 18.14 -15.33 -0.11
C THR A 55 18.06 -14.57 -1.44
N VAL A 56 17.26 -13.51 -1.45
CA VAL A 56 17.06 -12.70 -2.64
C VAL A 56 17.59 -11.28 -2.46
N SER A 57 17.79 -10.90 -1.21
CA SER A 57 18.25 -9.57 -0.83
C SER A 57 19.42 -8.97 -1.62
N ARG A 58 20.46 -9.74 -1.88
CA ARG A 58 21.61 -9.22 -2.61
C ARG A 58 21.33 -8.94 -4.08
N LEU A 59 20.73 -9.90 -4.75
CA LEU A 59 20.41 -9.75 -6.16
C LEU A 59 19.38 -8.63 -6.34
N LEU A 60 18.54 -8.44 -5.32
CA LEU A 60 17.53 -7.38 -5.38
C LEU A 60 18.15 -5.99 -5.28
N ARG A 61 19.20 -5.85 -4.47
CA ARG A 61 19.87 -4.56 -4.35
C ARG A 61 20.60 -4.22 -5.63
N VAL A 62 21.15 -5.24 -6.29
CA VAL A 62 21.85 -5.03 -7.55
C VAL A 62 20.83 -4.67 -8.62
N MET A 63 19.68 -5.33 -8.58
CA MET A 63 18.62 -5.07 -9.54
C MET A 63 18.18 -3.61 -9.40
N GLN A 64 18.08 -3.15 -8.15
CA GLN A 64 17.67 -1.77 -7.88
C GLN A 64 18.62 -0.76 -8.51
N CYS A 65 19.92 -0.95 -8.28
CA CYS A 65 20.92 -0.06 -8.83
C CYS A 65 20.83 -0.03 -10.35
N LEU A 66 20.75 -1.22 -10.96
CA LEU A 66 20.66 -1.34 -12.41
C LEU A 66 19.43 -0.65 -12.99
N SER A 67 18.31 -0.76 -12.28
CA SER A 67 17.06 -0.13 -12.73
C SER A 67 17.15 1.38 -12.74
N ARG A 68 17.83 1.95 -11.76
CA ARG A 68 17.99 3.40 -11.69
C ARG A 68 19.02 3.87 -12.70
N ILE A 69 20.00 3.02 -13.00
CA ILE A 69 21.04 3.34 -13.96
C ILE A 69 20.46 3.26 -15.37
N GLU A 70 19.57 2.31 -15.60
CA GLU A 70 18.95 2.14 -16.91
C GLU A 70 18.07 3.33 -17.24
N GLU A 71 17.48 3.93 -16.22
CA GLU A 71 16.61 5.09 -16.39
C GLU A 71 17.35 6.40 -16.14
N GLY A 72 18.66 6.30 -15.96
CA GLY A 72 19.49 7.46 -15.68
C GLY A 72 19.35 8.67 -16.61
N GLU A 73 18.84 8.47 -17.81
CA GLU A 73 18.69 9.57 -18.76
C GLU A 73 17.30 10.19 -18.76
N ASN A 74 16.40 9.66 -17.95
CA ASN A 74 15.05 10.20 -17.84
C ASN A 74 14.98 10.91 -16.50
N LEU A 75 15.51 12.13 -16.49
CA LEU A 75 15.56 12.95 -15.28
C LEU A 75 14.20 13.29 -14.67
N ASP A 76 13.13 13.06 -15.41
CA ASP A 76 11.79 13.33 -14.88
C ASP A 76 11.24 12.08 -14.20
N CYS A 77 12.07 11.04 -14.18
CA CYS A 77 11.72 9.77 -13.57
C CYS A 77 12.28 9.79 -12.14
N SER A 78 11.51 9.29 -11.18
CA SER A 78 11.96 9.29 -9.80
C SER A 78 11.69 7.95 -9.11
N PHE A 79 12.53 7.61 -8.13
CA PHE A 79 12.38 6.36 -7.39
C PHE A 79 12.19 6.61 -5.90
N ASP A 80 11.88 7.86 -5.55
CA ASP A 80 11.66 8.23 -4.16
C ASP A 80 10.23 8.68 -3.93
N MET A 81 9.65 8.23 -2.83
CA MET A 81 8.30 8.64 -2.50
C MET A 81 8.53 10.04 -1.98
N GLU A 82 9.45 10.12 -1.05
CA GLU A 82 9.81 11.33 -0.38
C GLU A 82 10.47 12.46 -1.17
N ALA A 83 11.48 12.15 -1.98
CA ALA A 83 12.14 13.26 -2.66
C ALA A 83 12.19 13.41 -4.16
N GLU A 84 12.74 14.56 -4.53
CA GLU A 84 12.95 15.01 -5.90
C GLU A 84 14.35 14.55 -6.27
N LEU A 85 14.48 13.25 -6.52
CA LEU A 85 15.76 12.68 -6.87
C LEU A 85 15.81 12.10 -8.26
N THR A 86 16.89 12.43 -8.97
CA THR A 86 17.09 11.91 -10.30
C THR A 86 17.48 10.44 -10.09
N PRO A 87 17.20 9.58 -11.08
CA PRO A 87 17.52 8.15 -10.99
C PRO A 87 18.93 7.86 -10.49
N LEU A 88 19.91 8.63 -10.97
CA LEU A 88 21.30 8.42 -10.58
C LEU A 88 21.58 8.80 -9.12
N GLU A 89 20.88 9.80 -8.62
CA GLU A 89 21.06 10.17 -7.23
C GLU A 89 20.53 9.00 -6.41
N SER A 90 19.48 8.36 -6.91
CA SER A 90 18.88 7.22 -6.25
C SER A 90 19.80 6.01 -6.32
N ALA A 91 20.49 5.85 -7.44
CA ALA A 91 21.40 4.74 -7.62
C ALA A 91 22.46 4.85 -6.51
N ILE A 92 22.93 6.06 -6.29
CA ILE A 92 23.94 6.32 -5.26
C ILE A 92 23.49 5.76 -3.92
N ASN A 93 22.26 6.09 -3.52
CA ASN A 93 21.74 5.60 -2.24
C ASN A 93 21.76 4.08 -2.20
N VAL A 94 21.44 3.46 -3.34
CA VAL A 94 21.43 2.01 -3.42
C VAL A 94 22.86 1.50 -3.23
N LEU A 95 23.80 2.22 -3.83
CA LEU A 95 25.21 1.86 -3.73
C LEU A 95 25.60 1.82 -2.24
N GLU A 96 25.06 2.76 -1.46
CA GLU A 96 25.35 2.82 -0.03
C GLU A 96 24.75 1.62 0.69
N MET A 97 23.54 1.24 0.32
CA MET A 97 22.89 0.10 0.95
C MET A 97 23.67 -1.15 0.59
N ILE A 98 24.03 -1.28 -0.68
CA ILE A 98 24.80 -2.42 -1.14
C ILE A 98 26.10 -2.53 -0.34
N LYS A 99 26.75 -1.39 -0.12
CA LYS A 99 27.99 -1.36 0.64
C LYS A 99 27.81 -1.92 2.05
N THR A 100 26.74 -1.48 2.71
CA THR A 100 26.45 -1.93 4.08
C THR A 100 26.03 -3.40 4.17
N GLU A 101 25.03 -3.78 3.37
CA GLU A 101 24.52 -5.13 3.40
C GLU A 101 25.41 -6.18 2.74
N PHE A 102 26.44 -5.74 2.03
CA PHE A 102 27.40 -6.65 1.39
C PHE A 102 28.68 -6.55 2.19
N THR A 103 28.66 -5.64 3.17
CA THR A 103 29.80 -5.37 4.03
C THR A 103 31.03 -5.18 3.15
N LEU A 104 30.96 -4.16 2.30
CA LEU A 104 32.05 -3.83 1.39
C LEU A 104 32.85 -2.69 2.02
N THR A 105 34.09 -2.55 1.58
CA THR A 105 34.94 -1.49 2.10
C THR A 105 34.75 -0.25 1.26
N GLU A 106 35.16 0.89 1.81
CA GLU A 106 35.05 2.14 1.09
C GLU A 106 35.95 2.08 -0.12
N ALA A 107 37.17 1.59 0.07
CA ALA A 107 38.14 1.45 -1.01
C ALA A 107 37.53 0.85 -2.27
N VAL A 108 36.65 -0.13 -2.10
CA VAL A 108 36.01 -0.80 -3.23
C VAL A 108 34.81 -0.07 -3.81
N VAL A 109 34.00 0.52 -2.93
CA VAL A 109 32.78 1.23 -3.36
C VAL A 109 33.02 2.60 -3.98
N GLU A 110 33.89 3.39 -3.36
CA GLU A 110 34.18 4.75 -3.81
C GLU A 110 34.51 4.98 -5.28
N SER A 111 35.23 4.06 -5.90
CA SER A 111 35.58 4.24 -7.30
C SER A 111 34.36 4.23 -8.20
N SER A 112 33.40 3.34 -7.91
CA SER A 112 32.18 3.26 -8.71
C SER A 112 31.20 4.35 -8.31
N ARG A 113 31.25 4.81 -7.06
CA ARG A 113 30.36 5.86 -6.62
C ARG A 113 30.74 7.16 -7.29
N LYS A 114 32.03 7.36 -7.55
CA LYS A 114 32.49 8.57 -8.22
C LYS A 114 32.01 8.55 -9.66
N LEU A 115 31.82 7.36 -10.19
CA LEU A 115 31.35 7.19 -11.56
C LEU A 115 29.90 7.65 -11.69
N VAL A 116 29.11 7.28 -10.69
CA VAL A 116 27.70 7.63 -10.66
C VAL A 116 27.47 9.12 -10.42
N LYS A 117 28.38 9.76 -9.70
CA LYS A 117 28.26 11.19 -9.44
C LYS A 117 28.63 11.93 -10.71
N GLU A 118 29.66 11.42 -11.38
CA GLU A 118 30.12 12.02 -12.61
C GLU A 118 29.00 11.95 -13.64
N ALA A 119 28.39 10.78 -13.73
CA ALA A 119 27.30 10.54 -14.67
C ALA A 119 26.06 11.36 -14.31
N ALA A 120 25.77 11.47 -13.02
CA ALA A 120 24.61 12.23 -12.57
C ALA A 120 24.72 13.70 -12.88
N VAL A 121 25.94 14.24 -12.78
CA VAL A 121 26.18 15.65 -13.08
C VAL A 121 26.16 15.90 -14.59
N ILE A 122 26.86 15.06 -15.33
CA ILE A 122 26.95 15.19 -16.79
C ILE A 122 25.61 15.03 -17.50
N ILE A 123 24.81 14.05 -17.08
CA ILE A 123 23.51 13.85 -17.71
C ILE A 123 22.67 15.11 -17.52
N CYS A 124 22.72 15.68 -16.31
CA CYS A 124 21.98 16.90 -16.05
C CYS A 124 22.48 17.95 -17.03
N ILE A 125 23.80 18.05 -17.15
CA ILE A 125 24.42 19.01 -18.05
C ILE A 125 23.97 18.79 -19.50
N LYS A 126 24.08 17.56 -19.99
CA LYS A 126 23.66 17.26 -21.35
C LYS A 126 22.20 17.62 -21.59
N ASN A 127 21.39 17.50 -20.55
CA ASN A 127 19.98 17.83 -20.63
C ASN A 127 19.77 19.29 -20.32
N LYS A 128 20.88 19.99 -20.09
CA LYS A 128 20.87 21.41 -19.81
C LYS A 128 20.21 21.86 -18.52
N GLU A 129 20.24 21.00 -17.52
CA GLU A 129 19.69 21.34 -16.22
C GLU A 129 20.95 21.68 -15.42
N PHE A 130 21.53 22.83 -15.74
CA PHE A 130 22.75 23.28 -15.09
C PHE A 130 22.55 23.57 -13.61
N GLU A 131 21.30 23.80 -13.22
CA GLU A 131 20.97 24.07 -11.84
C GLU A 131 20.94 22.77 -11.03
N LYS A 132 20.35 21.73 -11.60
CA LYS A 132 20.27 20.44 -10.92
C LYS A 132 21.68 19.87 -10.83
N ALA A 133 22.47 20.13 -11.87
CA ALA A 133 23.85 19.65 -11.94
C ALA A 133 24.72 20.21 -10.81
N SER A 134 24.68 21.52 -10.62
CA SER A 134 25.46 22.18 -9.58
C SER A 134 25.04 21.65 -8.22
N LYS A 135 23.74 21.44 -8.06
CA LYS A 135 23.21 20.92 -6.82
C LYS A 135 23.87 19.58 -6.54
N ILE A 136 23.74 18.66 -7.49
CA ILE A 136 24.31 17.33 -7.36
C ILE A 136 25.82 17.42 -7.21
N LEU A 137 26.45 18.34 -7.94
CA LEU A 137 27.89 18.51 -7.84
C LEU A 137 28.28 19.00 -6.45
N LYS A 138 27.65 20.10 -6.01
CA LYS A 138 27.89 20.71 -4.70
C LYS A 138 27.66 19.74 -3.56
N LYS A 139 26.63 18.91 -3.70
CA LYS A 139 26.24 17.95 -2.68
C LYS A 139 27.03 16.64 -2.65
N HIS A 140 27.60 16.26 -3.80
CA HIS A 140 28.31 14.99 -3.90
C HIS A 140 29.82 14.89 -4.14
N MET A 141 30.40 15.84 -4.85
CA MET A 141 31.83 15.79 -5.12
C MET A 141 32.38 17.03 -4.49
N SER A 142 31.57 17.47 -3.56
CA SER A 142 31.80 18.62 -2.77
C SER A 142 33.13 18.60 -2.05
N LYS A 143 33.69 17.42 -1.90
CA LYS A 143 34.92 17.35 -1.13
C LYS A 143 36.17 17.75 -1.83
N ASP A 144 37.19 16.89 -1.77
CA ASP A 144 38.34 17.33 -2.51
C ASP A 144 39.44 16.57 -3.17
N PRO A 145 39.82 15.34 -2.77
CA PRO A 145 40.95 14.80 -3.55
C PRO A 145 40.87 14.83 -5.09
N THR A 146 41.47 13.84 -5.76
CA THR A 146 41.43 13.79 -7.22
C THR A 146 40.14 14.47 -7.69
N THR A 147 39.07 14.21 -6.95
CA THR A 147 37.73 14.78 -7.19
C THR A 147 37.86 16.31 -7.39
N GLN A 148 39.09 16.80 -7.29
CA GLN A 148 39.46 18.22 -7.41
C GLN A 148 39.53 18.81 -8.83
N LYS A 149 39.83 18.01 -9.85
CA LYS A 149 39.95 18.55 -11.20
C LYS A 149 38.67 18.43 -12.01
N LEU A 150 38.04 17.27 -11.90
CA LEU A 150 36.80 17.03 -12.61
C LEU A 150 35.70 17.92 -12.04
N ARG A 151 35.73 18.11 -10.73
CA ARG A 151 34.75 18.96 -10.06
C ARG A 151 34.84 20.35 -10.67
N ASN A 152 36.05 20.91 -10.62
CA ASN A 152 36.28 22.24 -11.17
C ASN A 152 35.86 22.31 -12.64
N ASP A 153 36.37 21.40 -13.46
CA ASP A 153 36.01 21.39 -14.87
C ASP A 153 34.50 21.48 -15.01
N LEU A 154 33.79 20.57 -14.34
CA LEU A 154 32.34 20.52 -14.38
C LEU A 154 31.69 21.87 -14.02
N LEU A 155 32.15 22.49 -12.94
CA LEU A 155 31.62 23.79 -12.54
C LEU A 155 31.81 24.77 -13.69
N ASN A 156 33.04 24.82 -14.18
CA ASN A 156 33.39 25.70 -15.28
C ASN A 156 32.53 25.40 -16.50
N ILE A 157 32.30 24.11 -16.77
CA ILE A 157 31.46 23.72 -17.91
C ILE A 157 30.04 24.20 -17.63
N ILE A 158 29.61 24.10 -16.37
CA ILE A 158 28.28 24.53 -15.99
C ILE A 158 28.13 26.04 -16.09
N ARG A 159 28.97 26.76 -15.36
CA ARG A 159 28.90 28.21 -15.40
C ARG A 159 28.86 28.68 -16.84
N GLU A 160 29.54 27.94 -17.71
CA GLU A 160 29.62 28.29 -19.12
C GLU A 160 28.62 27.62 -20.07
N LYS A 161 27.77 26.74 -19.54
CA LYS A 161 26.79 26.06 -20.39
C LYS A 161 27.55 25.47 -21.57
N ASN A 162 28.72 24.90 -21.28
CA ASN A 162 29.57 24.36 -22.31
C ASN A 162 29.36 22.87 -22.61
N LEU A 163 28.38 22.59 -23.46
CA LEU A 163 28.06 21.22 -23.86
C LEU A 163 29.14 20.65 -24.77
N ALA A 164 29.95 21.52 -25.36
CA ALA A 164 31.00 21.08 -26.27
C ALA A 164 32.31 20.67 -25.60
N HIS A 165 32.44 20.90 -24.30
CA HIS A 165 33.66 20.52 -23.59
C HIS A 165 33.88 19.02 -23.80
N PRO A 166 35.14 18.57 -23.78
CA PRO A 166 35.48 17.15 -23.97
C PRO A 166 35.00 16.19 -22.89
N VAL A 167 34.86 16.66 -21.66
CA VAL A 167 34.41 15.82 -20.56
C VAL A 167 32.94 15.45 -20.81
N ILE A 168 32.23 16.34 -21.50
CA ILE A 168 30.83 16.12 -21.83
C ILE A 168 30.74 15.32 -23.12
N GLN A 169 31.47 15.80 -24.13
CA GLN A 169 31.52 15.21 -25.46
C GLN A 169 32.03 13.77 -25.52
N ASN A 170 32.85 13.38 -24.54
CA ASN A 170 33.38 12.00 -24.53
C ASN A 170 32.82 11.09 -23.47
N PHE A 171 31.73 11.51 -22.84
CA PHE A 171 31.07 10.68 -21.85
C PHE A 171 29.96 9.94 -22.59
N SER A 172 29.96 8.62 -22.49
CA SER A 172 28.96 7.80 -23.14
C SER A 172 28.20 7.03 -22.09
N TYR A 173 26.88 7.26 -22.00
CA TYR A 173 26.08 6.58 -21.00
C TYR A 173 26.19 5.07 -21.14
N GLU A 174 26.29 4.60 -22.38
CA GLU A 174 26.43 3.18 -22.66
C GLU A 174 27.68 2.66 -21.95
N THR A 175 28.80 3.33 -22.19
CA THR A 175 30.08 2.98 -21.57
C THR A 175 29.91 2.94 -20.05
N PHE A 176 29.26 3.96 -19.51
CA PHE A 176 29.02 4.07 -18.07
C PHE A 176 28.16 2.91 -17.55
N GLN A 177 27.09 2.60 -18.28
CA GLN A 177 26.19 1.52 -17.88
C GLN A 177 26.91 0.19 -17.77
N GLN A 178 27.56 -0.22 -18.85
CA GLN A 178 28.29 -1.48 -18.87
C GLN A 178 29.35 -1.52 -17.77
N LYS A 179 29.88 -0.36 -17.42
CA LYS A 179 30.88 -0.26 -16.37
C LYS A 179 30.30 -0.60 -14.99
N MET A 180 29.09 -0.11 -14.74
CA MET A 180 28.44 -0.36 -13.47
C MET A 180 27.96 -1.80 -13.36
N LEU A 181 27.60 -2.40 -14.49
CA LEU A 181 27.14 -3.79 -14.49
C LEU A 181 28.31 -4.67 -14.07
N ARG A 182 29.49 -4.36 -14.60
CA ARG A 182 30.69 -5.10 -14.27
C ARG A 182 31.08 -4.96 -12.81
N PHE A 183 30.87 -3.78 -12.24
CA PHE A 183 31.16 -3.55 -10.84
C PHE A 183 30.23 -4.39 -9.98
N LEU A 184 28.93 -4.33 -10.30
CA LEU A 184 27.92 -5.07 -9.54
C LEU A 184 28.00 -6.58 -9.74
N GLU A 185 28.34 -7.02 -10.95
CA GLU A 185 28.46 -8.46 -11.22
C GLU A 185 29.55 -9.10 -10.37
N SER A 186 30.65 -8.37 -10.16
CA SER A 186 31.77 -8.92 -9.39
C SER A 186 31.48 -9.06 -7.90
N HIS A 187 30.24 -8.83 -7.48
CA HIS A 187 29.89 -8.96 -6.07
C HIS A 187 28.78 -9.96 -5.87
N LEU A 188 28.52 -10.73 -6.92
CA LEU A 188 27.47 -11.75 -6.89
C LEU A 188 28.01 -13.13 -7.21
N ASP A 189 27.32 -14.15 -6.69
CA ASP A 189 27.69 -15.52 -7.01
C ASP A 189 26.84 -15.76 -8.24
N ASP A 190 27.49 -15.87 -9.39
CA ASP A 190 26.79 -16.06 -10.66
C ASP A 190 26.43 -17.51 -10.94
N ALA A 191 25.55 -18.10 -10.13
CA ALA A 191 25.13 -19.48 -10.31
C ALA A 191 23.93 -19.57 -11.25
N GLU A 192 23.85 -20.69 -11.96
CA GLU A 192 22.75 -20.93 -12.89
C GLU A 192 21.45 -21.15 -12.15
N PRO A 193 20.39 -20.42 -12.53
CA PRO A 193 19.07 -20.53 -11.89
C PRO A 193 18.51 -21.94 -12.06
N TYR A 194 17.81 -22.43 -11.05
CA TYR A 194 17.23 -23.76 -11.10
C TYR A 194 16.38 -23.86 -12.36
N LEU A 195 15.45 -22.92 -12.52
CA LEU A 195 14.55 -22.89 -13.66
C LEU A 195 15.22 -23.02 -15.02
N LEU A 196 16.43 -22.47 -15.16
CA LEU A 196 17.13 -22.53 -16.45
C LEU A 196 17.72 -23.92 -16.66
N THR A 197 18.19 -24.53 -15.57
CA THR A 197 18.77 -25.86 -15.61
C THR A 197 17.72 -26.85 -16.10
N MET A 198 16.49 -26.65 -15.65
CA MET A 198 15.37 -27.49 -16.00
C MET A 198 14.89 -27.24 -17.42
N ALA A 199 14.95 -25.99 -17.86
CA ALA A 199 14.56 -25.66 -19.22
C ALA A 199 15.54 -26.32 -20.17
N LYS A 200 16.70 -26.66 -19.64
CA LYS A 200 17.75 -27.31 -20.42
C LYS A 200 17.56 -28.82 -20.43
N LYS A 201 17.24 -29.38 -19.27
CA LYS A 201 16.98 -30.82 -19.20
C LYS A 201 15.78 -30.97 -20.10
N ALA A 202 14.78 -30.16 -19.78
CA ALA A 202 13.50 -30.13 -20.46
C ALA A 202 13.54 -29.97 -21.97
N LEU A 203 14.32 -29.06 -22.53
CA LEU A 203 14.19 -29.04 -23.98
C LEU A 203 15.21 -29.79 -24.83
N LYS A 204 16.51 -29.51 -24.77
CA LYS A 204 17.48 -30.28 -25.58
C LYS A 204 16.82 -31.45 -26.33
N GLY B 3 17.96 -19.93 -28.84
CA GLY B 3 18.72 -20.84 -27.92
C GLY B 3 18.57 -20.35 -26.50
N GLU B 4 19.19 -19.21 -26.21
CA GLU B 4 19.08 -18.59 -24.90
C GLU B 4 17.65 -18.06 -24.91
N ALA B 5 17.20 -17.70 -26.12
CA ALA B 5 15.87 -17.17 -26.35
C ALA B 5 14.81 -18.25 -26.26
N ARG B 6 15.16 -19.46 -26.68
CA ARG B 6 14.24 -20.58 -26.65
C ARG B 6 13.98 -21.03 -25.21
N LEU B 7 15.01 -20.96 -24.38
CA LEU B 7 14.92 -21.35 -22.99
C LEU B 7 14.06 -20.38 -22.19
N GLU B 8 14.14 -19.09 -22.54
CA GLU B 8 13.36 -18.08 -21.85
C GLU B 8 11.88 -18.29 -22.16
N GLU B 9 11.56 -18.57 -23.41
CA GLU B 9 10.18 -18.82 -23.82
C GLU B 9 9.59 -19.97 -23.02
N ALA B 10 10.30 -21.09 -22.99
CA ALA B 10 9.83 -22.26 -22.25
C ALA B 10 9.56 -21.96 -20.79
N VAL B 11 10.42 -21.13 -20.18
CA VAL B 11 10.26 -20.79 -18.77
C VAL B 11 9.10 -19.81 -18.57
N ASN B 12 8.91 -18.89 -19.51
CA ASN B 12 7.82 -17.93 -19.40
C ASN B 12 6.49 -18.67 -19.41
N ARG B 13 6.42 -19.73 -20.23
CA ARG B 13 5.19 -20.52 -20.30
C ARG B 13 4.96 -21.26 -18.99
N TRP B 14 6.02 -21.88 -18.45
CA TRP B 14 5.89 -22.59 -17.19
C TRP B 14 5.45 -21.60 -16.12
N VAL B 15 6.11 -20.45 -16.11
CA VAL B 15 5.82 -19.40 -15.16
C VAL B 15 4.39 -18.90 -15.31
N LEU B 16 3.97 -18.62 -16.54
CA LEU B 16 2.63 -18.13 -16.79
C LEU B 16 1.56 -19.13 -16.36
N LYS B 17 1.77 -20.40 -16.71
CA LYS B 17 0.84 -21.46 -16.35
C LYS B 17 0.81 -21.72 -14.85
N PHE B 18 1.96 -21.59 -14.20
CA PHE B 18 2.04 -21.80 -12.76
C PHE B 18 1.19 -20.80 -12.00
N TYR B 19 1.37 -19.52 -12.33
CA TYR B 19 0.61 -18.47 -11.66
C TYR B 19 -0.87 -18.49 -11.99
N PHE B 20 -1.21 -18.98 -13.18
CA PHE B 20 -2.60 -19.07 -13.57
C PHE B 20 -3.28 -20.05 -12.61
N HIS B 21 -2.62 -21.18 -12.40
CA HIS B 21 -3.12 -22.21 -11.51
C HIS B 21 -3.33 -21.62 -10.12
N GLU B 22 -2.35 -20.83 -9.66
CA GLU B 22 -2.41 -20.21 -8.35
C GLU B 22 -3.53 -19.17 -8.26
N ALA B 23 -3.76 -18.46 -9.36
CA ALA B 23 -4.80 -17.43 -9.40
C ALA B 23 -6.17 -18.07 -9.22
N LEU B 24 -6.41 -19.17 -9.94
CA LEU B 24 -7.68 -19.86 -9.83
C LEU B 24 -7.87 -20.36 -8.40
N ARG B 25 -6.78 -20.88 -7.83
CA ARG B 25 -6.83 -21.37 -6.45
C ARG B 25 -7.15 -20.23 -5.50
N ALA B 26 -6.63 -19.04 -5.77
CA ALA B 26 -6.89 -17.90 -4.92
C ALA B 26 -8.35 -17.49 -5.10
N PHE B 27 -8.78 -17.42 -6.35
CA PHE B 27 -10.15 -17.05 -6.68
C PHE B 27 -11.11 -18.03 -6.01
N ARG B 28 -10.75 -19.32 -6.06
CA ARG B 28 -11.60 -20.36 -5.48
C ARG B 28 -11.72 -20.24 -3.96
N GLY B 29 -10.62 -19.85 -3.29
CA GLY B 29 -10.64 -19.69 -1.86
C GLY B 29 -11.10 -18.30 -1.46
N SER B 30 -11.65 -17.57 -2.44
CA SER B 30 -12.13 -16.20 -2.24
C SER B 30 -11.04 -15.29 -1.72
N ARG B 31 -9.82 -15.51 -2.21
CA ARG B 31 -8.67 -14.69 -1.85
C ARG B 31 -8.42 -13.82 -3.06
N TYR B 32 -9.28 -12.81 -3.21
CA TYR B 32 -9.22 -11.90 -4.35
C TYR B 32 -8.01 -10.97 -4.34
N GLY B 33 -7.45 -10.71 -3.16
CA GLY B 33 -6.29 -9.86 -3.06
C GLY B 33 -5.09 -10.57 -3.67
N ASP B 34 -4.99 -11.87 -3.40
CA ASP B 34 -3.91 -12.67 -3.93
C ASP B 34 -4.13 -12.84 -5.43
N PHE B 35 -5.41 -12.95 -5.81
CA PHE B 35 -5.77 -13.11 -7.21
C PHE B 35 -5.27 -11.92 -8.02
N ARG B 36 -5.53 -10.72 -7.52
CA ARG B 36 -5.12 -9.50 -8.20
C ARG B 36 -3.60 -9.38 -8.32
N GLN B 37 -2.88 -9.73 -7.26
CA GLN B 37 -1.44 -9.66 -7.29
C GLN B 37 -0.90 -10.64 -8.34
N ILE B 38 -1.44 -11.85 -8.36
CA ILE B 38 -1.00 -12.84 -9.33
C ILE B 38 -1.38 -12.37 -10.73
N ARG B 39 -2.54 -11.73 -10.84
CA ARG B 39 -3.01 -11.21 -12.11
C ARG B 39 -1.98 -10.23 -12.67
N ASP B 40 -1.54 -9.30 -11.82
CA ASP B 40 -0.55 -8.32 -12.23
C ASP B 40 0.77 -8.96 -12.67
N ILE B 41 1.14 -10.07 -12.01
CA ILE B 41 2.36 -10.77 -12.37
C ILE B 41 2.21 -11.33 -13.79
N MET B 42 1.06 -11.93 -14.05
CA MET B 42 0.76 -12.53 -15.34
C MET B 42 0.68 -11.49 -16.46
N GLN B 43 0.15 -10.30 -16.12
CA GLN B 43 0.01 -9.22 -17.08
C GLN B 43 1.37 -8.70 -17.53
N ALA B 44 2.32 -8.65 -16.60
CA ALA B 44 3.66 -8.16 -16.90
C ALA B 44 4.38 -9.19 -17.76
N LEU B 45 4.07 -10.46 -17.55
CA LEU B 45 4.69 -11.55 -18.30
C LEU B 45 4.29 -11.58 -19.77
N LEU B 46 3.11 -11.04 -20.08
CA LEU B 46 2.59 -11.05 -21.45
C LEU B 46 3.40 -10.32 -22.51
N VAL B 47 4.32 -9.46 -22.12
CA VAL B 47 5.12 -8.73 -23.10
C VAL B 47 6.35 -9.52 -23.51
N ARG B 48 6.64 -10.57 -22.75
CA ARG B 48 7.80 -11.43 -23.01
C ARG B 48 7.47 -12.54 -24.00
N PRO B 49 8.48 -12.98 -24.78
CA PRO B 49 8.26 -14.05 -25.75
C PRO B 49 7.65 -15.26 -25.06
N LEU B 50 6.60 -15.81 -25.65
CA LEU B 50 5.94 -16.98 -25.09
C LEU B 50 6.05 -18.12 -26.10
N GLY B 51 6.36 -17.74 -27.33
CA GLY B 51 6.53 -18.71 -28.40
C GLY B 51 5.34 -19.36 -29.06
N LYS B 52 4.29 -19.70 -28.30
CA LYS B 52 3.14 -20.38 -28.89
C LYS B 52 1.79 -19.97 -28.34
N GLU B 53 1.21 -18.92 -28.90
CA GLU B 53 -0.08 -18.42 -28.44
C GLU B 53 -1.07 -19.53 -28.07
N HIS B 54 -1.37 -20.42 -29.00
CA HIS B 54 -2.33 -21.50 -28.79
C HIS B 54 -2.13 -22.37 -27.54
N THR B 55 -0.88 -22.55 -27.12
CA THR B 55 -0.60 -23.36 -25.93
C THR B 55 -0.98 -22.61 -24.67
N VAL B 56 -1.52 -21.40 -24.85
CA VAL B 56 -1.86 -20.57 -23.71
C VAL B 56 -3.10 -19.71 -23.96
N SER B 57 -3.51 -19.65 -25.21
CA SER B 57 -4.67 -18.88 -25.64
C SER B 57 -5.91 -19.14 -24.77
N ARG B 58 -6.06 -20.39 -24.35
CA ARG B 58 -7.20 -20.81 -23.56
C ARG B 58 -7.24 -20.40 -22.09
N LEU B 59 -6.13 -20.51 -21.37
CA LEU B 59 -6.17 -20.12 -19.96
C LEU B 59 -6.17 -18.60 -19.87
N LEU B 60 -5.65 -17.95 -20.89
CA LEU B 60 -5.58 -16.50 -20.93
C LEU B 60 -6.98 -15.89 -21.04
N ARG B 61 -7.83 -16.49 -21.88
CA ARG B 61 -9.18 -16.00 -22.06
C ARG B 61 -9.97 -16.21 -20.77
N VAL B 62 -9.74 -17.32 -20.10
CA VAL B 62 -10.43 -17.59 -18.83
C VAL B 62 -9.96 -16.61 -17.76
N MET B 63 -8.66 -16.31 -17.75
CA MET B 63 -8.10 -15.37 -16.78
C MET B 63 -8.69 -13.97 -17.02
N GLN B 64 -8.82 -13.60 -18.30
CA GLN B 64 -9.39 -12.30 -18.65
C GLN B 64 -10.78 -12.18 -18.06
N CYS B 65 -11.63 -13.17 -18.33
CA CYS B 65 -13.00 -13.17 -17.85
C CYS B 65 -13.02 -13.05 -16.33
N LEU B 66 -12.22 -13.88 -15.65
CA LEU B 66 -12.16 -13.87 -14.19
C LEU B 66 -11.69 -12.54 -13.63
N SER B 67 -10.72 -11.92 -14.29
CA SER B 67 -10.17 -10.65 -13.85
C SER B 67 -11.23 -9.55 -13.91
N ARG B 68 -12.00 -9.54 -15.00
CA ARG B 68 -13.05 -8.56 -15.15
C ARG B 68 -14.13 -8.82 -14.11
N ILE B 69 -14.48 -10.08 -13.92
CA ILE B 69 -15.49 -10.45 -12.95
C ILE B 69 -15.07 -10.05 -11.53
N GLU B 70 -13.81 -10.26 -11.20
CA GLU B 70 -13.28 -9.93 -9.88
C GLU B 70 -13.36 -8.43 -9.59
N GLU B 71 -13.39 -7.60 -10.64
CA GLU B 71 -13.48 -6.15 -10.50
C GLU B 71 -14.90 -5.67 -10.78
N GLY B 72 -15.77 -6.62 -11.09
CA GLY B 72 -17.16 -6.29 -11.41
C GLY B 72 -17.87 -5.29 -10.52
N GLU B 73 -17.43 -5.17 -9.27
CA GLU B 73 -18.08 -4.26 -8.35
C GLU B 73 -17.59 -2.81 -8.42
N ASN B 74 -16.48 -2.60 -9.11
CA ASN B 74 -15.95 -1.26 -9.27
C ASN B 74 -16.40 -0.75 -10.63
N LEU B 75 -17.53 -0.06 -10.64
CA LEU B 75 -18.12 0.48 -11.87
C LEU B 75 -17.22 1.38 -12.70
N ASP B 76 -16.29 2.06 -12.05
CA ASP B 76 -15.39 2.97 -12.75
C ASP B 76 -14.06 2.33 -13.15
N CYS B 77 -13.98 1.01 -13.06
CA CYS B 77 -12.79 0.30 -13.47
C CYS B 77 -13.13 0.07 -14.94
N SER B 78 -12.17 0.22 -15.83
CA SER B 78 -12.46 0.02 -17.23
C SER B 78 -11.39 -0.87 -17.85
N PHE B 79 -11.79 -2.06 -18.25
CA PHE B 79 -10.86 -3.01 -18.85
C PHE B 79 -10.75 -2.81 -20.34
N ASP B 80 -11.59 -1.94 -20.89
CA ASP B 80 -11.50 -1.79 -22.32
C ASP B 80 -10.95 -0.46 -22.80
N MET B 81 -10.10 -0.61 -23.81
CA MET B 81 -9.38 0.44 -24.50
C MET B 81 -10.06 1.76 -24.84
N GLU B 82 -11.21 1.67 -25.49
CA GLU B 82 -11.89 2.84 -25.93
C GLU B 82 -13.08 3.24 -25.09
N ALA B 83 -13.46 2.45 -24.11
CA ALA B 83 -14.64 2.84 -23.46
C ALA B 83 -14.81 2.96 -22.00
N GLU B 84 -16.09 3.08 -21.72
CA GLU B 84 -16.65 3.14 -20.39
C GLU B 84 -17.64 2.02 -20.42
N LEU B 85 -17.02 0.84 -20.42
CA LEU B 85 -17.71 -0.42 -20.38
C LEU B 85 -17.41 -0.74 -18.92
N THR B 86 -18.38 -1.31 -18.22
CA THR B 86 -18.13 -1.67 -16.85
C THR B 86 -17.43 -3.01 -16.96
N PRO B 87 -16.71 -3.41 -15.92
CA PRO B 87 -16.00 -4.69 -15.97
C PRO B 87 -16.89 -5.87 -16.39
N LEU B 88 -18.14 -5.88 -15.92
CA LEU B 88 -19.05 -6.97 -16.27
C LEU B 88 -19.43 -6.98 -17.76
N GLU B 89 -19.54 -5.80 -18.35
CA GLU B 89 -19.85 -5.69 -19.77
C GLU B 89 -18.68 -6.27 -20.55
N SER B 90 -17.48 -6.00 -20.06
CA SER B 90 -16.27 -6.50 -20.68
C SER B 90 -16.20 -8.01 -20.56
N ALA B 91 -16.66 -8.53 -19.43
CA ALA B 91 -16.66 -9.97 -19.20
C ALA B 91 -17.59 -10.64 -20.21
N ILE B 92 -18.72 -9.99 -20.47
CA ILE B 92 -19.67 -10.51 -21.44
C ILE B 92 -18.94 -10.73 -22.77
N ASN B 93 -18.16 -9.73 -23.18
CA ASN B 93 -17.40 -9.82 -24.43
C ASN B 93 -16.32 -10.90 -24.42
N VAL B 94 -15.69 -11.11 -23.27
CA VAL B 94 -14.66 -12.14 -23.18
C VAL B 94 -15.34 -13.50 -23.27
N LEU B 95 -16.60 -13.56 -22.87
CA LEU B 95 -17.36 -14.80 -22.91
C LEU B 95 -17.53 -15.22 -24.37
N GLU B 96 -17.77 -14.25 -25.24
CA GLU B 96 -17.94 -14.51 -26.66
C GLU B 96 -16.64 -15.08 -27.21
N MET B 97 -15.51 -14.54 -26.76
CA MET B 97 -14.21 -15.03 -27.21
C MET B 97 -14.01 -16.47 -26.77
N ILE B 98 -14.30 -16.74 -25.50
CA ILE B 98 -14.17 -18.09 -24.97
C ILE B 98 -14.99 -19.05 -25.82
N LYS B 99 -16.27 -18.73 -26.01
CA LYS B 99 -17.15 -19.57 -26.82
C LYS B 99 -16.49 -19.87 -28.16
N THR B 100 -16.16 -18.80 -28.87
CA THR B 100 -15.55 -18.87 -30.18
C THR B 100 -14.24 -19.67 -30.24
N GLU B 101 -13.37 -19.49 -29.25
CA GLU B 101 -12.07 -20.15 -29.24
C GLU B 101 -11.96 -21.49 -28.51
N PHE B 102 -12.98 -21.84 -27.71
CA PHE B 102 -13.04 -23.11 -26.99
C PHE B 102 -14.03 -23.99 -27.76
N THR B 103 -14.57 -23.38 -28.83
CA THR B 103 -15.57 -23.93 -29.70
C THR B 103 -16.66 -24.68 -28.95
N LEU B 104 -17.46 -23.86 -28.27
CA LEU B 104 -18.57 -24.21 -27.43
C LEU B 104 -19.86 -23.84 -28.15
N THR B 105 -20.95 -24.46 -27.72
CA THR B 105 -22.25 -24.21 -28.30
C THR B 105 -22.82 -22.95 -27.68
N GLU B 106 -23.82 -22.37 -28.34
CA GLU B 106 -24.49 -21.19 -27.84
C GLU B 106 -25.20 -21.62 -26.55
N ALA B 107 -25.60 -22.88 -26.49
CA ALA B 107 -26.31 -23.41 -25.33
C ALA B 107 -25.44 -23.48 -24.08
N VAL B 108 -24.29 -24.14 -24.17
CA VAL B 108 -23.38 -24.26 -23.05
C VAL B 108 -22.98 -22.89 -22.52
N VAL B 109 -23.01 -21.90 -23.42
CA VAL B 109 -22.63 -20.53 -23.10
C VAL B 109 -23.71 -19.58 -22.56
N GLU B 110 -24.83 -19.50 -23.26
CA GLU B 110 -25.91 -18.60 -22.85
C GLU B 110 -26.30 -18.77 -21.38
N SER B 111 -25.96 -19.91 -20.80
CA SER B 111 -26.26 -20.19 -19.42
C SER B 111 -25.49 -19.24 -18.51
N SER B 112 -24.23 -19.02 -18.85
CA SER B 112 -23.36 -18.13 -18.08
C SER B 112 -23.51 -16.67 -18.52
N ARG B 113 -23.67 -16.47 -19.83
CA ARG B 113 -23.83 -15.13 -20.37
C ARG B 113 -25.05 -14.46 -19.76
N LYS B 114 -26.04 -15.27 -19.39
CA LYS B 114 -27.26 -14.78 -18.78
C LYS B 114 -26.96 -14.26 -17.38
N LEU B 115 -26.11 -15.00 -16.66
CA LEU B 115 -25.72 -14.67 -15.31
C LEU B 115 -24.90 -13.39 -15.24
N VAL B 116 -24.00 -13.21 -16.20
CA VAL B 116 -23.16 -12.02 -16.23
C VAL B 116 -23.99 -10.78 -16.52
N LYS B 117 -25.02 -10.91 -17.37
CA LYS B 117 -25.89 -9.79 -17.69
C LYS B 117 -26.70 -9.40 -16.47
N GLU B 118 -27.29 -10.39 -15.81
CA GLU B 118 -28.08 -10.16 -14.62
C GLU B 118 -27.23 -9.43 -13.59
N ALA B 119 -26.03 -9.96 -13.33
CA ALA B 119 -25.12 -9.35 -12.36
C ALA B 119 -24.73 -7.94 -12.74
N ALA B 120 -24.47 -7.71 -14.03
CA ALA B 120 -24.07 -6.40 -14.52
C ALA B 120 -25.13 -5.34 -14.24
N VAL B 121 -26.38 -5.68 -14.48
CA VAL B 121 -27.48 -4.76 -14.25
C VAL B 121 -27.68 -4.53 -12.75
N ILE B 122 -27.74 -5.62 -12.01
CA ILE B 122 -27.96 -5.54 -10.56
C ILE B 122 -26.87 -4.77 -9.83
N ILE B 123 -25.61 -5.02 -10.19
CA ILE B 123 -24.50 -4.32 -9.55
C ILE B 123 -24.63 -2.82 -9.74
N CYS B 124 -25.11 -2.41 -10.91
CA CYS B 124 -25.28 -0.98 -11.17
C CYS B 124 -26.37 -0.43 -10.25
N ILE B 125 -27.44 -1.21 -10.10
CA ILE B 125 -28.56 -0.83 -9.25
C ILE B 125 -28.15 -0.72 -7.79
N LYS B 126 -27.31 -1.64 -7.33
CA LYS B 126 -26.86 -1.60 -5.94
C LYS B 126 -25.90 -0.44 -5.73
N ASN B 127 -25.38 0.11 -6.83
CA ASN B 127 -24.46 1.24 -6.77
C ASN B 127 -25.15 2.55 -7.14
N LYS B 128 -26.47 2.51 -7.27
CA LYS B 128 -27.26 3.70 -7.62
C LYS B 128 -27.03 4.22 -9.03
N GLU B 129 -26.34 3.45 -9.86
CA GLU B 129 -26.10 3.85 -11.24
C GLU B 129 -27.29 3.41 -12.09
N PHE B 130 -28.48 3.84 -11.68
CA PHE B 130 -29.72 3.48 -12.37
C PHE B 130 -29.67 3.78 -13.87
N GLU B 131 -29.07 4.90 -14.24
CA GLU B 131 -28.93 5.29 -15.64
C GLU B 131 -28.28 4.18 -16.45
N LYS B 132 -27.10 3.74 -15.98
CA LYS B 132 -26.35 2.69 -16.66
C LYS B 132 -27.01 1.32 -16.54
N ALA B 133 -27.67 1.09 -15.41
CA ALA B 133 -28.37 -0.17 -15.19
C ALA B 133 -29.41 -0.30 -16.31
N SER B 134 -30.08 0.81 -16.59
CA SER B 134 -31.10 0.85 -17.62
C SER B 134 -30.52 0.60 -19.00
N LYS B 135 -29.34 1.14 -19.26
CA LYS B 135 -28.69 0.98 -20.56
C LYS B 135 -28.21 -0.45 -20.82
N ILE B 136 -27.58 -1.05 -19.83
CA ILE B 136 -27.08 -2.42 -19.97
C ILE B 136 -28.28 -3.35 -20.13
N LEU B 137 -29.29 -3.14 -19.29
CA LEU B 137 -30.50 -3.95 -19.34
C LEU B 137 -31.10 -4.00 -20.74
N LYS B 138 -31.22 -2.84 -21.37
CA LYS B 138 -31.79 -2.73 -22.72
C LYS B 138 -30.95 -3.31 -23.84
N LYS B 139 -29.65 -3.11 -23.75
CA LYS B 139 -28.75 -3.59 -24.78
C LYS B 139 -28.42 -5.09 -24.72
N HIS B 140 -28.43 -5.65 -23.53
CA HIS B 140 -28.07 -7.05 -23.33
C HIS B 140 -29.15 -8.05 -22.97
N MET B 141 -30.04 -7.64 -22.09
CA MET B 141 -31.09 -8.53 -21.61
C MET B 141 -32.38 -8.67 -22.39
N SER B 142 -33.08 -7.56 -22.55
CA SER B 142 -34.38 -7.52 -23.23
C SER B 142 -34.73 -8.50 -24.34
N LYS B 143 -33.83 -9.43 -24.67
CA LYS B 143 -34.16 -10.44 -25.67
C LYS B 143 -35.19 -11.29 -24.89
N ASP B 144 -35.44 -12.55 -25.22
CA ASP B 144 -36.50 -13.22 -24.44
C ASP B 144 -36.62 -14.68 -23.96
N PRO B 145 -35.53 -15.42 -23.72
CA PRO B 145 -36.00 -16.74 -23.26
C PRO B 145 -36.97 -16.59 -22.05
N THR B 146 -36.51 -16.73 -20.82
CA THR B 146 -37.43 -16.49 -19.72
C THR B 146 -36.86 -15.41 -18.81
N THR B 147 -36.09 -14.53 -19.45
CA THR B 147 -35.51 -13.36 -18.81
C THR B 147 -36.78 -12.55 -18.62
N GLN B 148 -37.66 -12.81 -19.58
CA GLN B 148 -38.97 -12.22 -19.75
C GLN B 148 -39.64 -11.48 -18.61
N LYS B 149 -39.50 -11.94 -17.38
CA LYS B 149 -40.13 -11.24 -16.27
C LYS B 149 -39.08 -10.68 -15.32
N LEU B 150 -37.86 -11.20 -15.44
CA LEU B 150 -36.74 -10.74 -14.64
C LEU B 150 -36.39 -9.37 -15.21
N ARG B 151 -36.43 -9.26 -16.53
CA ARG B 151 -36.13 -8.00 -17.20
C ARG B 151 -37.20 -6.98 -16.84
N ASN B 152 -38.41 -7.46 -16.56
CA ASN B 152 -39.49 -6.54 -16.21
C ASN B 152 -39.42 -6.09 -14.77
N ASP B 153 -39.06 -7.00 -13.86
CA ASP B 153 -38.96 -6.63 -12.46
C ASP B 153 -37.80 -5.63 -12.35
N LEU B 154 -36.75 -5.88 -13.12
CA LEU B 154 -35.58 -5.03 -13.12
C LEU B 154 -35.85 -3.59 -13.55
N LEU B 155 -36.76 -3.41 -14.50
CA LEU B 155 -37.10 -2.06 -14.96
C LEU B 155 -37.85 -1.34 -13.85
N ASN B 156 -38.84 -2.02 -13.30
CA ASN B 156 -39.64 -1.48 -12.21
C ASN B 156 -38.73 -1.15 -11.04
N ILE B 157 -37.77 -2.03 -10.75
CA ILE B 157 -36.84 -1.81 -9.66
C ILE B 157 -36.05 -0.54 -9.94
N ILE B 158 -35.66 -0.34 -11.19
CA ILE B 158 -34.92 0.85 -11.57
C ILE B 158 -35.81 2.07 -11.41
N ARG B 159 -36.92 2.10 -12.14
CA ARG B 159 -37.86 3.21 -12.07
C ARG B 159 -38.09 3.68 -10.63
N GLU B 160 -38.40 2.73 -9.75
CA GLU B 160 -38.68 3.01 -8.35
C GLU B 160 -37.46 3.15 -7.44
N LYS B 161 -36.27 2.97 -7.99
CA LYS B 161 -35.05 3.05 -7.17
C LYS B 161 -35.26 2.11 -5.99
N ASN B 162 -35.93 1.00 -6.25
CA ASN B 162 -36.22 0.02 -5.22
C ASN B 162 -35.07 -0.96 -5.03
N LEU B 163 -34.28 -0.74 -4.00
CA LEU B 163 -33.15 -1.62 -3.71
C LEU B 163 -33.60 -2.67 -2.69
N ALA B 164 -34.82 -2.50 -2.19
CA ALA B 164 -35.38 -3.43 -1.21
C ALA B 164 -36.03 -4.63 -1.88
N HIS B 165 -36.08 -4.60 -3.22
CA HIS B 165 -36.70 -5.69 -3.98
C HIS B 165 -35.90 -6.98 -3.83
N PRO B 166 -36.59 -8.10 -3.56
CA PRO B 166 -35.98 -9.42 -3.38
C PRO B 166 -34.93 -9.75 -4.44
N VAL B 167 -35.21 -9.37 -5.69
CA VAL B 167 -34.27 -9.63 -6.78
C VAL B 167 -32.92 -9.01 -6.46
N ILE B 168 -32.91 -7.74 -6.07
CA ILE B 168 -31.67 -7.06 -5.73
C ILE B 168 -31.18 -7.56 -4.37
N GLN B 169 -32.11 -7.62 -3.42
CA GLN B 169 -31.85 -8.05 -2.06
C GLN B 169 -31.19 -9.43 -1.98
N ASN B 170 -31.70 -10.36 -2.79
CA ASN B 170 -31.19 -11.73 -2.78
C ASN B 170 -30.09 -12.04 -3.78
N PHE B 171 -29.48 -11.04 -4.39
CA PHE B 171 -28.39 -11.31 -5.32
C PHE B 171 -27.05 -11.16 -4.58
N SER B 172 -26.23 -12.20 -4.64
CA SER B 172 -24.93 -12.18 -3.97
C SER B 172 -23.83 -12.23 -5.01
N TYR B 173 -23.00 -11.20 -5.04
CA TYR B 173 -21.92 -11.17 -6.00
C TYR B 173 -20.95 -12.32 -5.79
N GLU B 174 -20.64 -12.63 -4.53
CA GLU B 174 -19.74 -13.73 -4.20
C GLU B 174 -20.26 -15.04 -4.76
N THR B 175 -21.58 -15.21 -4.69
CA THR B 175 -22.23 -16.40 -5.20
C THR B 175 -22.16 -16.46 -6.72
N PHE B 176 -22.42 -15.33 -7.36
CA PHE B 176 -22.36 -15.24 -8.81
C PHE B 176 -20.92 -15.54 -9.22
N GLN B 177 -19.99 -14.90 -8.51
CA GLN B 177 -18.55 -15.06 -8.74
C GLN B 177 -18.09 -16.51 -8.76
N GLN B 178 -18.33 -17.22 -7.67
CA GLN B 178 -17.92 -18.61 -7.57
C GLN B 178 -18.55 -19.49 -8.64
N LYS B 179 -19.76 -19.14 -9.07
CA LYS B 179 -20.40 -19.92 -10.13
C LYS B 179 -19.63 -19.73 -11.42
N MET B 180 -19.37 -18.47 -11.76
CA MET B 180 -18.63 -18.15 -12.98
C MET B 180 -17.27 -18.82 -13.02
N LEU B 181 -16.72 -19.12 -11.85
CA LEU B 181 -15.43 -19.80 -11.81
C LEU B 181 -15.66 -21.27 -12.10
N ARG B 182 -16.70 -21.84 -11.49
CA ARG B 182 -17.01 -23.25 -11.71
C ARG B 182 -17.15 -23.47 -13.21
N PHE B 183 -17.99 -22.66 -13.85
CA PHE B 183 -18.21 -22.76 -15.28
C PHE B 183 -16.91 -22.58 -16.08
N LEU B 184 -16.23 -21.46 -15.87
CA LEU B 184 -14.99 -21.19 -16.60
C LEU B 184 -13.94 -22.26 -16.37
N GLU B 185 -13.79 -22.70 -15.13
CA GLU B 185 -12.82 -23.72 -14.76
C GLU B 185 -13.09 -25.04 -15.48
N SER B 186 -14.36 -25.43 -15.51
CA SER B 186 -14.78 -26.69 -16.12
C SER B 186 -14.35 -26.93 -17.57
N HIS B 187 -14.01 -25.88 -18.31
CA HIS B 187 -13.59 -26.08 -19.69
C HIS B 187 -12.09 -26.05 -19.88
N LEU B 188 -11.36 -26.19 -18.78
CA LEU B 188 -9.90 -26.21 -18.80
C LEU B 188 -9.45 -27.62 -18.44
N ASP B 189 -8.29 -28.03 -18.93
CA ASP B 189 -7.80 -29.36 -18.61
C ASP B 189 -7.39 -29.44 -17.15
N ASP B 190 -7.21 -30.67 -16.68
CA ASP B 190 -6.86 -30.96 -15.29
C ASP B 190 -5.40 -30.72 -14.87
N ALA B 191 -4.49 -30.74 -15.83
CA ALA B 191 -3.06 -30.59 -15.62
C ALA B 191 -2.48 -29.67 -14.54
N GLU B 192 -1.70 -30.27 -13.65
CA GLU B 192 -1.01 -29.58 -12.57
C GLU B 192 0.13 -28.86 -13.31
N PRO B 193 0.50 -27.64 -12.87
CA PRO B 193 1.60 -26.95 -13.58
C PRO B 193 2.94 -27.64 -13.31
N TYR B 194 3.82 -27.62 -14.31
CA TYR B 194 5.12 -28.24 -14.17
C TYR B 194 5.86 -27.70 -12.94
N LEU B 195 5.89 -26.38 -12.82
CA LEU B 195 6.58 -25.72 -11.70
C LEU B 195 6.13 -26.16 -10.32
N LEU B 196 4.83 -26.42 -10.18
CA LEU B 196 4.29 -26.86 -8.89
C LEU B 196 4.72 -28.30 -8.64
N THR B 197 4.78 -29.07 -9.72
CA THR B 197 5.20 -30.46 -9.66
C THR B 197 6.62 -30.53 -9.13
N MET B 198 7.50 -29.72 -9.70
CA MET B 198 8.90 -29.68 -9.28
C MET B 198 9.03 -29.16 -7.86
N ALA B 199 8.18 -28.21 -7.49
CA ALA B 199 8.21 -27.64 -6.15
C ALA B 199 7.83 -28.68 -5.10
N LYS B 200 7.15 -29.73 -5.55
CA LYS B 200 6.72 -30.80 -4.65
C LYS B 200 7.85 -31.80 -4.42
N LYS B 201 8.68 -31.98 -5.44
CA LYS B 201 9.82 -32.88 -5.34
C LYS B 201 10.87 -32.20 -4.46
N ALA B 202 10.88 -30.89 -4.50
CA ALA B 202 11.84 -30.12 -3.73
C ALA B 202 11.57 -30.22 -2.24
N LEU B 203 10.31 -30.04 -1.85
CA LEU B 203 9.95 -30.08 -0.44
C LEU B 203 9.73 -31.46 0.18
N LYS B 204 10.15 -32.52 -0.50
CA LYS B 204 10.01 -33.84 0.09
C LYS B 204 11.29 -34.00 0.90
N GLY C 3 -4.63 24.03 30.51
CA GLY C 3 -5.36 25.20 29.93
C GLY C 3 -5.66 24.97 28.46
N GLU C 4 -4.67 25.21 27.61
CA GLU C 4 -4.79 24.99 26.17
C GLU C 4 -5.34 23.60 25.95
N ALA C 5 -5.45 22.86 27.06
CA ALA C 5 -5.96 21.51 27.08
C ALA C 5 -7.45 21.47 26.73
N ARG C 6 -8.30 21.94 27.64
CA ARG C 6 -9.75 21.95 27.41
C ARG C 6 -10.12 22.34 25.99
N LEU C 7 -9.21 23.03 25.31
CA LEU C 7 -9.43 23.46 23.94
C LEU C 7 -9.11 22.35 22.94
N GLU C 8 -8.11 21.52 23.25
CA GLU C 8 -7.78 20.42 22.36
C GLU C 8 -8.93 19.43 22.53
N GLU C 9 -9.25 19.14 23.79
CA GLU C 9 -10.32 18.21 24.13
C GLU C 9 -11.62 18.45 23.39
N ALA C 10 -11.93 19.71 23.12
CA ALA C 10 -13.16 20.03 22.41
C ALA C 10 -12.95 19.92 20.90
N VAL C 11 -11.72 20.15 20.45
CA VAL C 11 -11.43 20.04 19.03
C VAL C 11 -11.35 18.57 18.66
N ASN C 12 -10.80 17.76 19.57
CA ASN C 12 -10.69 16.33 19.37
C ASN C 12 -12.10 15.80 19.16
N ARG C 13 -12.99 16.15 20.08
CA ARG C 13 -14.39 15.73 20.01
C ARG C 13 -14.97 16.08 18.64
N TRP C 14 -14.83 17.34 18.25
CA TRP C 14 -15.33 17.82 16.97
C TRP C 14 -14.73 17.02 15.82
N VAL C 15 -13.44 16.73 15.89
CA VAL C 15 -12.77 15.97 14.85
C VAL C 15 -13.29 14.54 14.85
N LEU C 16 -13.47 13.96 16.04
CA LEU C 16 -13.96 12.60 16.15
C LEU C 16 -15.34 12.51 15.51
N LYS C 17 -16.19 13.48 15.84
CA LYS C 17 -17.56 13.52 15.32
C LYS C 17 -17.62 13.79 13.82
N PHE C 18 -16.70 14.61 13.31
CA PHE C 18 -16.68 14.91 11.90
C PHE C 18 -16.44 13.66 11.09
N TYR C 19 -15.38 12.93 11.44
CA TYR C 19 -15.03 11.70 10.73
C TYR C 19 -16.04 10.59 10.91
N PHE C 20 -16.70 10.57 12.07
CA PHE C 20 -17.71 9.55 12.29
C PHE C 20 -18.77 9.74 11.21
N HIS C 21 -19.11 11.00 10.99
CA HIS C 21 -20.11 11.39 10.00
C HIS C 21 -19.74 10.94 8.59
N GLU C 22 -18.47 11.09 8.23
CA GLU C 22 -17.99 10.68 6.92
C GLU C 22 -17.94 9.16 6.83
N ALA C 23 -17.59 8.52 7.94
CA ALA C 23 -17.52 7.06 8.01
C ALA C 23 -18.88 6.51 7.59
N LEU C 24 -19.94 7.03 8.22
CA LEU C 24 -21.29 6.59 7.91
C LEU C 24 -21.60 6.89 6.45
N ARG C 25 -21.12 8.04 5.98
CA ARG C 25 -21.38 8.43 4.60
C ARG C 25 -20.69 7.49 3.62
N ALA C 26 -19.50 7.01 3.99
CA ALA C 26 -18.77 6.09 3.14
C ALA C 26 -19.47 4.74 3.18
N PHE C 27 -19.86 4.32 4.37
CA PHE C 27 -20.54 3.04 4.55
C PHE C 27 -21.83 3.03 3.74
N ARG C 28 -22.61 4.09 3.90
CA ARG C 28 -23.90 4.22 3.22
C ARG C 28 -23.75 4.18 1.70
N GLY C 29 -22.64 4.69 1.20
CA GLY C 29 -22.39 4.68 -0.24
C GLY C 29 -21.59 3.47 -0.66
N SER C 30 -21.37 2.55 0.27
CA SER C 30 -20.61 1.33 0.00
C SER C 30 -19.15 1.59 -0.36
N ARG C 31 -18.58 2.67 0.19
CA ARG C 31 -17.18 3.02 -0.05
C ARG C 31 -16.38 2.56 1.17
N TYR C 32 -16.36 1.24 1.36
CA TYR C 32 -15.69 0.60 2.48
C TYR C 32 -14.20 0.85 2.62
N GLY C 33 -13.55 1.24 1.53
CA GLY C 33 -12.14 1.53 1.59
C GLY C 33 -11.99 2.87 2.28
N ASP C 34 -12.81 3.83 1.86
CA ASP C 34 -12.81 5.16 2.45
C ASP C 34 -13.18 5.02 3.91
N PHE C 35 -14.12 4.14 4.19
CA PHE C 35 -14.59 3.89 5.55
C PHE C 35 -13.48 3.45 6.49
N ARG C 36 -12.65 2.50 6.05
CA ARG C 36 -11.56 2.01 6.88
C ARG C 36 -10.46 3.03 7.11
N GLN C 37 -10.22 3.91 6.14
CA GLN C 37 -9.19 4.93 6.30
C GLN C 37 -9.68 5.93 7.35
N ILE C 38 -10.95 6.28 7.26
CA ILE C 38 -11.56 7.21 8.21
C ILE C 38 -11.55 6.54 9.58
N ARG C 39 -11.88 5.25 9.58
CA ARG C 39 -11.92 4.45 10.80
C ARG C 39 -10.58 4.51 11.53
N ASP C 40 -9.50 4.35 10.77
CA ASP C 40 -8.16 4.36 11.33
C ASP C 40 -7.80 5.70 11.95
N ILE C 41 -8.35 6.78 11.41
CA ILE C 41 -8.10 8.11 11.93
C ILE C 41 -8.79 8.23 13.27
N MET C 42 -10.02 7.70 13.32
CA MET C 42 -10.79 7.72 14.55
C MET C 42 -10.10 6.87 15.60
N GLN C 43 -9.61 5.72 15.19
CA GLN C 43 -8.93 4.82 16.12
C GLN C 43 -7.76 5.56 16.77
N ALA C 44 -7.03 6.33 15.96
CA ALA C 44 -5.87 7.08 16.44
C ALA C 44 -6.23 8.25 17.35
N LEU C 45 -7.44 8.78 17.22
CA LEU C 45 -7.91 9.89 18.03
C LEU C 45 -8.28 9.44 19.44
N LEU C 46 -8.74 8.20 19.55
CA LEU C 46 -9.17 7.63 20.81
C LEU C 46 -8.14 7.67 21.93
N VAL C 47 -6.85 7.80 21.59
CA VAL C 47 -5.82 7.85 22.62
C VAL C 47 -5.76 9.26 23.20
N ARG C 48 -6.34 10.22 22.47
CA ARG C 48 -6.35 11.60 22.92
C ARG C 48 -7.54 11.86 23.85
N PRO C 49 -7.44 12.89 24.70
CA PRO C 49 -8.52 13.24 25.64
C PRO C 49 -9.71 13.86 24.89
N LEU C 50 -10.91 13.33 25.14
CA LEU C 50 -12.12 13.77 24.44
C LEU C 50 -13.31 14.39 25.19
N GLY C 51 -13.19 14.59 26.48
CA GLY C 51 -14.31 15.14 27.25
C GLY C 51 -14.71 14.04 28.19
N LYS C 52 -15.95 13.59 28.14
CA LYS C 52 -16.38 12.48 28.99
C LYS C 52 -17.11 11.50 28.09
N GLU C 53 -16.70 10.24 28.17
CA GLU C 53 -17.29 9.18 27.36
C GLU C 53 -18.69 9.45 26.84
N HIS C 54 -19.65 9.58 27.76
CA HIS C 54 -21.05 9.82 27.43
C HIS C 54 -21.29 10.58 26.12
N THR C 55 -20.66 11.74 25.98
CA THR C 55 -20.84 12.59 24.80
C THR C 55 -20.40 11.96 23.48
N VAL C 56 -19.82 10.76 23.53
CA VAL C 56 -19.36 10.08 22.34
C VAL C 56 -19.48 8.57 22.42
N SER C 57 -19.88 8.07 23.60
CA SER C 57 -20.02 6.63 23.81
C SER C 57 -21.08 6.01 22.92
N ARG C 58 -22.03 6.82 22.49
CA ARG C 58 -23.11 6.33 21.66
C ARG C 58 -22.67 6.07 20.21
N LEU C 59 -21.97 7.03 19.62
CA LEU C 59 -21.52 6.89 18.24
C LEU C 59 -20.29 6.00 18.14
N LEU C 60 -19.62 5.79 19.26
CA LEU C 60 -18.44 4.94 19.28
C LEU C 60 -18.85 3.48 19.24
N ARG C 61 -20.02 3.17 19.81
CA ARG C 61 -20.52 1.80 19.82
C ARG C 61 -21.03 1.45 18.43
N VAL C 62 -21.81 2.35 17.84
CA VAL C 62 -22.32 2.14 16.49
C VAL C 62 -21.10 1.95 15.58
N MET C 63 -20.12 2.83 15.73
CA MET C 63 -18.90 2.77 14.92
C MET C 63 -18.18 1.45 15.15
N GLN C 64 -18.25 0.95 16.38
CA GLN C 64 -17.62 -0.33 16.72
C GLN C 64 -18.31 -1.45 15.97
N CYS C 65 -19.64 -1.47 16.05
CA CYS C 65 -20.41 -2.51 15.38
C CYS C 65 -20.19 -2.47 13.87
N LEU C 66 -20.10 -1.26 13.32
CA LEU C 66 -19.89 -1.07 11.89
C LEU C 66 -18.51 -1.51 11.40
N SER C 67 -17.49 -1.32 12.23
CA SER C 67 -16.14 -1.70 11.85
C SER C 67 -16.00 -3.22 11.80
N ARG C 68 -16.66 -3.90 12.71
CA ARG C 68 -16.61 -5.36 12.75
C ARG C 68 -17.39 -5.94 11.58
N ILE C 69 -18.49 -5.27 11.24
CA ILE C 69 -19.33 -5.69 10.13
C ILE C 69 -18.62 -5.45 8.80
N GLU C 70 -17.91 -4.33 8.71
CA GLU C 70 -17.18 -4.01 7.49
C GLU C 70 -16.12 -5.08 7.27
N GLU C 71 -15.56 -5.61 8.36
CA GLU C 71 -14.54 -6.65 8.30
C GLU C 71 -15.12 -8.05 8.41
N GLY C 72 -16.45 -8.15 8.44
CA GLY C 72 -17.11 -9.42 8.57
C GLY C 72 -16.71 -10.54 7.62
N GLU C 73 -16.20 -10.19 6.45
CA GLU C 73 -15.81 -11.20 5.47
C GLU C 73 -14.38 -11.71 5.58
N ASN C 74 -13.57 -11.08 6.45
CA ASN C 74 -12.19 -11.53 6.65
C ASN C 74 -12.24 -12.39 7.91
N LEU C 75 -12.21 -13.70 7.74
CA LEU C 75 -12.30 -14.60 8.88
C LEU C 75 -11.03 -14.80 9.70
N ASP C 76 -9.93 -14.21 9.26
CA ASP C 76 -8.66 -14.31 9.97
C ASP C 76 -8.34 -12.94 10.56
N CYS C 77 -9.43 -12.21 10.83
CA CYS C 77 -9.37 -10.89 11.41
C CYS C 77 -10.05 -11.05 12.75
N SER C 78 -9.56 -10.34 13.76
CA SER C 78 -10.16 -10.43 15.08
C SER C 78 -10.07 -9.12 15.83
N PHE C 79 -11.12 -8.79 16.55
CA PHE C 79 -11.17 -7.57 17.33
C PHE C 79 -11.02 -7.94 18.78
N ASP C 80 -11.23 -9.21 19.10
CA ASP C 80 -11.10 -9.66 20.47
C ASP C 80 -9.64 -9.93 20.81
N MET C 81 -9.28 -9.53 22.02
CA MET C 81 -7.95 -9.65 22.58
C MET C 81 -7.19 -10.95 22.32
N GLU C 82 -7.86 -12.08 22.47
CA GLU C 82 -7.23 -13.37 22.29
C GLU C 82 -7.28 -13.96 20.88
N ALA C 83 -8.06 -13.33 20.00
CA ALA C 83 -8.17 -13.77 18.61
C ALA C 83 -8.89 -15.09 18.34
N GLU C 84 -9.97 -15.36 19.06
CA GLU C 84 -10.73 -16.59 18.83
C GLU C 84 -12.12 -16.18 18.37
N LEU C 85 -12.25 -14.93 17.94
CA LEU C 85 -13.53 -14.40 17.53
C LEU C 85 -13.54 -13.88 16.10
N THR C 86 -14.61 -14.22 15.37
CA THR C 86 -14.76 -13.73 14.01
C THR C 86 -15.40 -12.36 14.15
N PRO C 87 -15.08 -11.44 13.22
CA PRO C 87 -15.63 -10.08 13.25
C PRO C 87 -17.14 -10.00 13.51
N LEU C 88 -17.89 -10.92 12.92
CA LEU C 88 -19.34 -10.92 13.11
C LEU C 88 -19.71 -11.37 14.51
N GLU C 89 -18.86 -12.20 15.11
CA GLU C 89 -19.11 -12.66 16.47
C GLU C 89 -18.91 -11.44 17.38
N SER C 90 -17.88 -10.65 17.08
CA SER C 90 -17.60 -9.45 17.84
C SER C 90 -18.74 -8.45 17.69
N ALA C 91 -19.32 -8.39 16.49
CA ALA C 91 -20.43 -7.49 16.20
C ALA C 91 -21.64 -7.82 17.06
N ILE C 92 -21.86 -9.10 17.30
CA ILE C 92 -22.99 -9.56 18.12
C ILE C 92 -22.80 -9.00 19.52
N ASN C 93 -21.57 -9.07 20.02
CA ASN C 93 -21.24 -8.57 21.36
C ASN C 93 -21.52 -7.08 21.45
N VAL C 94 -21.00 -6.33 20.49
CA VAL C 94 -21.17 -4.88 20.43
C VAL C 94 -22.65 -4.54 20.38
N LEU C 95 -23.41 -5.38 19.67
CA LEU C 95 -24.84 -5.19 19.53
C LEU C 95 -25.56 -5.33 20.87
N GLU C 96 -25.04 -6.17 21.74
CA GLU C 96 -25.64 -6.37 23.07
C GLU C 96 -25.29 -5.17 23.94
N MET C 97 -24.07 -4.67 23.78
CA MET C 97 -23.61 -3.52 24.55
C MET C 97 -24.44 -2.29 24.18
N ILE C 98 -25.01 -2.32 22.99
CA ILE C 98 -25.82 -1.21 22.54
C ILE C 98 -27.23 -1.29 23.11
N LYS C 99 -27.77 -2.50 23.17
CA LYS C 99 -29.11 -2.68 23.72
C LYS C 99 -29.08 -2.44 25.24
N THR C 100 -27.96 -2.79 25.87
CA THR C 100 -27.80 -2.61 27.30
C THR C 100 -27.52 -1.16 27.67
N GLU C 101 -26.63 -0.52 26.93
CA GLU C 101 -26.26 0.88 27.19
C GLU C 101 -27.31 1.89 26.76
N PHE C 102 -28.01 1.60 25.67
CA PHE C 102 -29.03 2.48 25.13
C PHE C 102 -30.39 2.10 25.72
N THR C 103 -30.40 0.98 26.44
CA THR C 103 -31.61 0.44 27.05
C THR C 103 -32.71 0.32 25.99
N LEU C 104 -32.44 -0.51 24.99
CA LEU C 104 -33.37 -0.76 23.92
C LEU C 104 -34.18 -1.98 24.31
N THR C 105 -35.43 -2.05 23.87
CA THR C 105 -36.25 -3.20 24.21
C THR C 105 -35.87 -4.35 23.30
N GLU C 106 -35.98 -5.56 23.86
CA GLU C 106 -35.67 -6.77 23.14
C GLU C 106 -36.38 -6.80 21.78
N ALA C 107 -37.59 -6.25 21.76
CA ALA C 107 -38.42 -6.19 20.55
C ALA C 107 -37.83 -5.32 19.45
N VAL C 108 -36.94 -4.42 19.84
CA VAL C 108 -36.30 -3.50 18.91
C VAL C 108 -34.96 -4.02 18.44
N VAL C 109 -34.52 -5.12 19.05
CA VAL C 109 -33.21 -5.69 18.76
C VAL C 109 -33.12 -7.11 18.20
N GLU C 110 -34.12 -7.94 18.47
CA GLU C 110 -34.08 -9.33 18.00
C GLU C 110 -33.93 -9.55 16.49
N SER C 111 -34.61 -8.74 15.68
CA SER C 111 -34.51 -8.88 14.23
C SER C 111 -33.06 -8.72 13.80
N SER C 112 -32.47 -7.58 14.16
CA SER C 112 -31.09 -7.26 13.83
C SER C 112 -30.09 -8.22 14.46
N ARG C 113 -30.32 -8.62 15.70
CA ARG C 113 -29.40 -9.55 16.32
C ARG C 113 -29.50 -10.87 15.60
N LYS C 114 -30.69 -11.19 15.10
CA LYS C 114 -30.91 -12.43 14.38
C LYS C 114 -30.21 -12.39 13.02
N LEU C 115 -30.03 -11.19 12.48
CA LEU C 115 -29.37 -11.04 11.19
C LEU C 115 -27.87 -11.26 11.31
N VAL C 116 -27.26 -10.68 12.33
CA VAL C 116 -25.83 -10.82 12.54
C VAL C 116 -25.44 -12.26 12.82
N LYS C 117 -26.33 -13.01 13.47
CA LYS C 117 -26.07 -14.41 13.78
C LYS C 117 -26.09 -15.23 12.49
N GLU C 118 -27.08 -14.96 11.64
CA GLU C 118 -27.24 -15.65 10.37
C GLU C 118 -26.07 -15.34 9.43
N ALA C 119 -25.64 -14.08 9.43
CA ALA C 119 -24.54 -13.66 8.59
C ALA C 119 -23.24 -14.26 9.10
N ALA C 120 -23.10 -14.36 10.42
CA ALA C 120 -21.91 -14.91 11.03
C ALA C 120 -21.72 -16.37 10.61
N VAL C 121 -22.79 -17.15 10.64
CA VAL C 121 -22.72 -18.55 10.25
C VAL C 121 -22.54 -18.71 8.74
N ILE C 122 -23.41 -18.05 7.98
CA ILE C 122 -23.39 -18.12 6.52
C ILE C 122 -22.05 -17.72 5.88
N ILE C 123 -21.40 -16.69 6.43
CA ILE C 123 -20.11 -16.26 5.88
C ILE C 123 -19.08 -17.36 6.05
N CYS C 124 -19.10 -18.02 7.21
CA CYS C 124 -18.16 -19.11 7.47
C CYS C 124 -18.40 -20.20 6.43
N ILE C 125 -19.69 -20.49 6.18
CA ILE C 125 -20.08 -21.50 5.21
C ILE C 125 -19.54 -21.22 3.82
N LYS C 126 -19.72 -19.99 3.35
CA LYS C 126 -19.23 -19.61 2.03
C LYS C 126 -17.71 -19.70 1.95
N ASN C 127 -17.06 -19.66 3.11
CA ASN C 127 -15.60 -19.75 3.20
C ASN C 127 -15.21 -21.18 3.59
N LYS C 128 -16.21 -22.05 3.63
CA LYS C 128 -15.99 -23.44 3.96
C LYS C 128 -15.36 -23.68 5.32
N GLU C 129 -15.75 -22.85 6.28
CA GLU C 129 -15.28 -23.00 7.65
C GLU C 129 -16.52 -23.66 8.24
N PHE C 130 -16.76 -24.90 7.87
CA PHE C 130 -17.94 -25.63 8.33
C PHE C 130 -17.93 -25.88 9.82
N GLU C 131 -16.74 -26.00 10.40
CA GLU C 131 -16.66 -26.24 11.84
C GLU C 131 -16.84 -24.93 12.59
N LYS C 132 -16.31 -23.84 12.04
CA LYS C 132 -16.46 -22.54 12.65
C LYS C 132 -17.95 -22.23 12.62
N ALA C 133 -18.55 -22.51 11.47
CA ALA C 133 -19.97 -22.29 11.26
C ALA C 133 -20.81 -23.08 12.26
N SER C 134 -20.38 -24.30 12.55
CA SER C 134 -21.10 -25.16 13.49
C SER C 134 -21.07 -24.56 14.89
N LYS C 135 -19.88 -24.15 15.32
CA LYS C 135 -19.71 -23.55 16.65
C LYS C 135 -20.60 -22.33 16.83
N ILE C 136 -20.47 -21.38 15.91
CA ILE C 136 -21.26 -20.16 15.97
C ILE C 136 -22.76 -20.47 15.97
N LEU C 137 -23.17 -21.42 15.12
CA LEU C 137 -24.58 -21.79 15.02
C LEU C 137 -25.14 -22.36 16.32
N LYS C 138 -24.43 -23.31 16.90
CA LYS C 138 -24.85 -23.95 18.14
C LYS C 138 -24.73 -23.09 19.37
N LYS C 139 -23.94 -22.02 19.28
CA LYS C 139 -23.75 -21.13 20.40
C LYS C 139 -24.82 -20.04 20.50
N HIS C 140 -25.23 -19.52 19.35
CA HIS C 140 -26.21 -18.45 19.31
C HIS C 140 -27.62 -18.88 18.91
N MET C 141 -27.74 -20.05 18.31
CA MET C 141 -29.05 -20.54 17.88
C MET C 141 -29.41 -21.93 18.41
N SER C 142 -29.92 -21.99 19.63
CA SER C 142 -30.34 -23.25 20.23
C SER C 142 -31.72 -22.96 20.77
N LYS C 143 -31.80 -21.93 21.62
CA LYS C 143 -33.06 -21.46 22.16
C LYS C 143 -33.50 -20.72 20.91
N ASP C 144 -33.13 -19.43 20.86
CA ASP C 144 -33.37 -18.57 19.69
C ASP C 144 -34.32 -19.37 18.79
N PRO C 145 -35.46 -19.84 19.37
CA PRO C 145 -36.52 -20.66 18.77
C PRO C 145 -36.92 -20.53 17.33
N THR C 146 -37.97 -19.75 17.09
CA THR C 146 -38.51 -19.59 15.74
C THR C 146 -37.49 -19.38 14.60
N THR C 147 -36.21 -19.54 14.93
CA THR C 147 -35.14 -19.51 13.96
C THR C 147 -35.06 -21.00 13.64
N GLN C 148 -36.13 -21.69 14.04
CA GLN C 148 -36.29 -23.12 13.90
C GLN C 148 -36.02 -23.65 12.50
N LYS C 149 -36.61 -23.01 11.50
CA LYS C 149 -36.39 -23.44 10.11
C LYS C 149 -34.94 -23.17 9.74
N LEU C 150 -34.56 -21.91 9.80
CA LEU C 150 -33.22 -21.46 9.47
C LEU C 150 -32.08 -22.21 10.16
N ARG C 151 -32.09 -22.24 11.50
CA ARG C 151 -31.05 -22.94 12.24
C ARG C 151 -30.98 -24.40 11.86
N ASN C 152 -32.13 -24.95 11.46
CA ASN C 152 -32.22 -26.34 11.06
C ASN C 152 -31.80 -26.52 9.60
N ASP C 153 -32.04 -25.49 8.78
CA ASP C 153 -31.63 -25.56 7.38
C ASP C 153 -30.11 -25.50 7.33
N LEU C 154 -29.55 -24.55 8.07
CA LEU C 154 -28.10 -24.33 8.13
C LEU C 154 -27.30 -25.58 8.52
N LEU C 155 -27.79 -26.32 9.50
CA LEU C 155 -27.13 -27.54 9.97
C LEU C 155 -26.97 -28.54 8.84
N ASN C 156 -28.02 -28.65 8.04
CA ASN C 156 -28.01 -29.55 6.91
C ASN C 156 -27.07 -29.00 5.85
N ILE C 157 -27.10 -27.68 5.67
CA ILE C 157 -26.23 -27.03 4.71
C ILE C 157 -24.78 -27.28 5.09
N ILE C 158 -24.49 -27.15 6.39
CA ILE C 158 -23.14 -27.37 6.88
C ILE C 158 -22.73 -28.82 6.65
N ARG C 159 -23.45 -29.75 7.27
CA ARG C 159 -23.15 -31.17 7.14
C ARG C 159 -23.08 -31.67 5.68
N GLU C 160 -23.88 -31.11 4.78
CA GLU C 160 -23.82 -31.53 3.38
C GLU C 160 -22.90 -30.58 2.62
N LYS C 161 -22.34 -29.61 3.33
CA LYS C 161 -21.44 -28.61 2.74
C LYS C 161 -22.11 -28.11 1.48
N ASN C 162 -23.38 -27.77 1.61
CA ASN C 162 -24.18 -27.32 0.49
C ASN C 162 -24.25 -25.81 0.26
N LEU C 163 -23.24 -25.24 -0.38
CA LEU C 163 -23.26 -23.79 -0.64
C LEU C 163 -24.19 -23.45 -1.79
N ALA C 164 -24.78 -24.48 -2.40
CA ALA C 164 -25.69 -24.27 -3.51
C ALA C 164 -27.10 -24.08 -2.94
N HIS C 165 -27.25 -24.33 -1.65
CA HIS C 165 -28.54 -24.18 -1.00
C HIS C 165 -28.90 -22.71 -1.09
N PRO C 166 -30.15 -22.39 -1.44
CA PRO C 166 -30.63 -21.01 -1.56
C PRO C 166 -30.51 -20.11 -0.33
N VAL C 167 -30.40 -20.69 0.86
CA VAL C 167 -30.24 -19.87 2.06
C VAL C 167 -28.86 -19.23 1.97
N ILE C 168 -27.94 -19.97 1.35
CA ILE C 168 -26.58 -19.52 1.16
C ILE C 168 -26.50 -18.73 -0.14
N GLN C 169 -27.15 -19.25 -1.16
CA GLN C 169 -27.14 -18.63 -2.47
C GLN C 169 -27.87 -17.31 -2.56
N ASN C 170 -28.82 -17.07 -1.67
CA ASN C 170 -29.55 -15.82 -1.72
C ASN C 170 -29.25 -14.88 -0.57
N PHE C 171 -28.11 -15.12 0.08
CA PHE C 171 -27.66 -14.25 1.16
C PHE C 171 -26.56 -13.40 0.58
N SER C 172 -26.73 -12.09 0.64
CA SER C 172 -25.74 -11.17 0.11
C SER C 172 -25.22 -10.31 1.25
N TYR C 173 -23.91 -10.29 1.44
CA TYR C 173 -23.30 -9.52 2.50
C TYR C 173 -23.56 -8.02 2.33
N GLU C 174 -23.54 -7.56 1.08
CA GLU C 174 -23.78 -6.14 0.80
C GLU C 174 -25.16 -5.74 1.33
N THR C 175 -26.15 -6.58 1.07
CA THR C 175 -27.51 -6.33 1.52
C THR C 175 -27.59 -6.33 3.05
N PHE C 176 -26.87 -7.26 3.67
CA PHE C 176 -26.84 -7.39 5.12
C PHE C 176 -26.21 -6.17 5.77
N GLN C 177 -25.15 -5.66 5.15
CA GLN C 177 -24.45 -4.49 5.66
C GLN C 177 -25.30 -3.24 5.69
N GLN C 178 -25.91 -2.91 4.56
CA GLN C 178 -26.75 -1.72 4.48
C GLN C 178 -27.95 -1.85 5.41
N LYS C 179 -28.41 -3.07 5.63
CA LYS C 179 -29.53 -3.34 6.51
C LYS C 179 -29.11 -2.94 7.93
N MET C 180 -27.99 -3.51 8.37
CA MET C 180 -27.46 -3.25 9.69
C MET C 180 -27.17 -1.77 9.90
N LEU C 181 -26.71 -1.09 8.85
CA LEU C 181 -26.41 0.33 8.97
C LEU C 181 -27.68 1.11 9.25
N ARG C 182 -28.78 0.71 8.62
CA ARG C 182 -30.06 1.39 8.82
C ARG C 182 -30.55 1.19 10.24
N PHE C 183 -30.30 0.01 10.78
CA PHE C 183 -30.70 -0.28 12.14
C PHE C 183 -29.89 0.64 13.06
N LEU C 184 -28.57 0.53 12.98
CA LEU C 184 -27.66 1.32 13.79
C LEU C 184 -27.87 2.82 13.69
N GLU C 185 -28.04 3.32 12.46
CA GLU C 185 -28.26 4.75 12.24
C GLU C 185 -29.48 5.30 12.95
N SER C 186 -30.55 4.51 12.97
CA SER C 186 -31.81 4.93 13.58
C SER C 186 -31.70 5.25 15.06
N HIS C 187 -30.73 4.64 15.73
CA HIS C 187 -30.52 4.88 17.15
C HIS C 187 -29.41 5.89 17.28
N LEU C 188 -29.36 6.82 16.35
CA LEU C 188 -28.31 7.83 16.42
C LEU C 188 -28.70 9.30 16.41
N ASP C 189 -27.70 10.11 16.13
CA ASP C 189 -27.77 11.54 16.24
C ASP C 189 -27.09 12.19 15.02
N ASP C 190 -27.27 11.66 13.79
CA ASP C 190 -26.51 12.16 12.63
C ASP C 190 -26.33 13.68 12.48
N ALA C 191 -25.84 14.24 13.58
CA ALA C 191 -25.51 15.64 13.76
C ALA C 191 -24.67 16.07 12.60
N GLU C 192 -25.05 17.18 11.98
CA GLU C 192 -24.24 17.69 10.89
C GLU C 192 -23.13 18.31 11.74
N PRO C 193 -22.06 17.54 12.00
CA PRO C 193 -20.95 18.03 12.83
C PRO C 193 -20.47 19.44 12.55
N TYR C 194 -20.06 20.13 13.62
CA TYR C 194 -19.58 21.50 13.57
C TYR C 194 -18.63 21.79 12.41
N LEU C 195 -17.73 20.85 12.12
CA LEU C 195 -16.77 21.05 11.05
C LEU C 195 -17.32 21.06 9.63
N LEU C 196 -18.30 20.22 9.35
CA LEU C 196 -18.87 20.21 8.01
C LEU C 196 -19.65 21.50 7.80
N THR C 197 -20.31 21.94 8.87
CA THR C 197 -21.10 23.17 8.83
C THR C 197 -20.19 24.37 8.67
N MET C 198 -19.01 24.32 9.30
CA MET C 198 -18.06 25.42 9.19
C MET C 198 -17.49 25.35 7.77
N ALA C 199 -17.29 24.12 7.30
CA ALA C 199 -16.76 23.89 5.96
C ALA C 199 -17.72 24.48 4.92
N LYS C 200 -19.01 24.26 5.15
CA LYS C 200 -20.04 24.77 4.26
C LYS C 200 -20.06 26.29 4.34
N LYS C 201 -20.22 26.81 5.55
CA LYS C 201 -20.27 28.24 5.80
C LYS C 201 -19.04 28.93 5.22
N ALA C 202 -18.11 28.15 4.65
CA ALA C 202 -16.88 28.71 4.10
C ALA C 202 -16.64 28.53 2.60
N LEU C 203 -17.31 27.57 1.97
CA LEU C 203 -17.13 27.37 0.54
C LEU C 203 -18.43 27.85 -0.06
N LYS C 204 -19.35 28.11 0.87
CA LYS C 204 -20.65 28.66 0.61
C LYS C 204 -20.24 30.06 0.14
N GLY D 3 -18.71 17.26 -4.77
CA GLY D 3 -18.69 18.51 -3.94
C GLY D 3 -18.71 18.16 -2.47
N GLU D 4 -19.27 17.00 -2.17
CA GLU D 4 -19.32 16.51 -0.80
C GLU D 4 -17.89 16.14 -0.45
N ALA D 5 -17.12 15.86 -1.49
CA ALA D 5 -15.72 15.49 -1.36
C ALA D 5 -14.82 16.69 -1.06
N ARG D 6 -15.07 17.80 -1.73
CA ARG D 6 -14.25 18.98 -1.50
C ARG D 6 -14.48 19.66 -0.16
N LEU D 7 -15.49 19.19 0.57
CA LEU D 7 -15.80 19.70 1.90
C LEU D 7 -14.88 18.97 2.86
N GLU D 8 -14.80 17.65 2.67
CA GLU D 8 -13.94 16.82 3.50
C GLU D 8 -12.51 17.32 3.39
N GLU D 9 -12.10 17.58 2.15
CA GLU D 9 -10.77 18.09 1.84
C GLU D 9 -10.44 19.31 2.70
N ALA D 10 -11.37 20.27 2.73
CA ALA D 10 -11.20 21.50 3.48
C ALA D 10 -11.03 21.26 4.99
N VAL D 11 -11.80 20.32 5.53
CA VAL D 11 -11.74 19.99 6.94
C VAL D 11 -10.43 19.26 7.27
N ASN D 12 -10.09 18.28 6.46
CA ASN D 12 -8.88 17.48 6.63
C ASN D 12 -7.65 18.40 6.69
N ARG D 13 -7.72 19.49 5.95
CA ARG D 13 -6.63 20.44 5.90
C ARG D 13 -6.59 21.22 7.22
N TRP D 14 -7.78 21.54 7.75
CA TRP D 14 -7.87 22.26 9.01
C TRP D 14 -7.37 21.38 10.14
N VAL D 15 -7.75 20.11 10.09
CA VAL D 15 -7.36 19.14 11.11
C VAL D 15 -5.84 18.93 11.14
N LEU D 16 -5.24 18.79 9.96
CA LEU D 16 -3.79 18.57 9.87
C LEU D 16 -3.04 19.77 10.45
N LYS D 17 -3.45 20.96 10.04
CA LYS D 17 -2.83 22.19 10.51
C LYS D 17 -3.02 22.37 12.01
N PHE D 18 -4.18 21.99 12.51
CA PHE D 18 -4.47 22.10 13.93
C PHE D 18 -3.59 21.15 14.74
N TYR D 19 -3.52 19.89 14.32
CA TYR D 19 -2.71 18.90 15.02
C TYR D 19 -1.22 19.13 14.91
N PHE D 20 -0.80 19.73 13.79
CA PHE D 20 0.61 20.04 13.62
C PHE D 20 0.96 21.08 14.66
N HIS D 21 0.02 22.00 14.88
CA HIS D 21 0.18 23.07 15.85
C HIS D 21 0.31 22.53 17.27
N GLU D 22 -0.46 21.51 17.58
CA GLU D 22 -0.44 20.90 18.91
C GLU D 22 0.80 20.02 19.11
N ALA D 23 1.30 19.47 18.00
CA ALA D 23 2.48 18.62 18.06
C ALA D 23 3.72 19.43 18.40
N LEU D 24 3.82 20.63 17.84
CA LEU D 24 4.96 21.50 18.14
C LEU D 24 4.85 21.89 19.60
N ARG D 25 3.63 22.22 20.02
CA ARG D 25 3.37 22.62 21.40
C ARG D 25 3.87 21.51 22.33
N ALA D 26 3.46 20.28 22.03
CA ALA D 26 3.84 19.11 22.82
C ALA D 26 5.35 18.89 22.82
N PHE D 27 5.97 19.06 21.66
CA PHE D 27 7.41 18.87 21.53
C PHE D 27 8.08 19.93 22.39
N ARG D 28 7.63 21.18 22.20
CA ARG D 28 8.11 22.34 22.92
C ARG D 28 8.10 22.10 24.44
N GLY D 29 7.09 21.37 24.89
CA GLY D 29 6.97 21.08 26.31
C GLY D 29 7.60 19.75 26.69
N SER D 30 8.47 19.25 25.82
CA SER D 30 9.14 17.97 26.06
C SER D 30 8.09 16.91 26.39
N ARG D 31 6.88 17.10 25.87
CA ARG D 31 5.78 16.15 26.06
C ARG D 31 5.77 15.28 24.82
N TYR D 32 6.76 14.39 24.76
CA TYR D 32 6.96 13.49 23.63
C TYR D 32 5.97 12.36 23.39
N GLY D 33 5.24 11.95 24.41
CA GLY D 33 4.27 10.90 24.23
C GLY D 33 3.09 11.46 23.47
N ASP D 34 2.67 12.66 23.86
CA ASP D 34 1.55 13.33 23.22
C ASP D 34 1.93 13.63 21.77
N PHE D 35 3.18 14.06 21.58
CA PHE D 35 3.68 14.37 20.25
C PHE D 35 3.50 13.14 19.37
N ARG D 36 3.89 12.00 19.91
CA ARG D 36 3.80 10.73 19.18
C ARG D 36 2.36 10.32 18.85
N GLN D 37 1.43 10.56 19.75
CA GLN D 37 0.04 10.21 19.50
C GLN D 37 -0.57 11.11 18.44
N ILE D 38 -0.14 12.37 18.41
CA ILE D 38 -0.63 13.34 17.44
C ILE D 38 -0.03 13.06 16.06
N ARG D 39 1.23 12.62 16.05
CA ARG D 39 1.94 12.28 14.82
C ARG D 39 1.21 11.15 14.10
N ASP D 40 0.84 10.12 14.86
CA ASP D 40 0.14 8.98 14.31
C ASP D 40 -1.21 9.41 13.75
N ILE D 41 -1.84 10.40 14.39
CA ILE D 41 -3.12 10.87 13.91
C ILE D 41 -2.90 11.52 12.54
N MET D 42 -1.85 12.33 12.44
CA MET D 42 -1.56 13.01 11.19
C MET D 42 -1.19 12.01 10.09
N GLN D 43 -0.56 10.90 10.46
CA GLN D 43 -0.19 9.88 9.50
C GLN D 43 -1.45 9.30 8.90
N ALA D 44 -2.37 8.90 9.76
CA ALA D 44 -3.64 8.32 9.33
C ALA D 44 -4.41 9.33 8.48
N LEU D 45 -4.06 10.60 8.66
CA LEU D 45 -4.73 11.68 7.93
C LEU D 45 -4.18 11.88 6.51
N LEU D 46 -2.95 11.44 6.28
CA LEU D 46 -2.31 11.62 4.98
C LEU D 46 -2.83 10.78 3.82
N VAL D 47 -3.52 9.67 4.11
CA VAL D 47 -4.04 8.83 3.04
C VAL D 47 -5.28 9.47 2.43
N ARG D 48 -5.78 10.52 3.09
CA ARG D 48 -6.97 11.23 2.67
C ARG D 48 -6.71 12.45 1.79
N PRO D 49 -7.75 12.86 1.04
CA PRO D 49 -7.68 14.02 0.14
C PRO D 49 -7.34 15.29 0.92
N LEU D 50 -6.16 15.84 0.68
CA LEU D 50 -5.74 17.04 1.39
C LEU D 50 -5.98 18.32 0.59
N GLY D 51 -6.28 18.19 -0.71
CA GLY D 51 -6.55 19.35 -1.53
C GLY D 51 -5.46 19.76 -2.51
N LYS D 52 -4.50 20.53 -2.04
CA LYS D 52 -3.38 20.97 -2.85
C LYS D 52 -2.18 21.03 -1.92
N GLU D 53 -1.13 20.29 -2.28
CA GLU D 53 0.09 20.15 -1.49
C GLU D 53 1.09 21.32 -1.39
N HIS D 54 0.68 22.53 -1.75
CA HIS D 54 1.58 23.69 -1.64
C HIS D 54 1.52 24.25 -0.22
N THR D 55 0.40 23.97 0.42
CA THR D 55 0.04 24.47 1.74
C THR D 55 0.36 23.73 3.06
N VAL D 56 0.84 22.49 2.96
CA VAL D 56 1.16 21.67 4.13
C VAL D 56 2.48 20.93 3.94
N SER D 57 3.14 21.15 2.81
CA SER D 57 4.38 20.48 2.50
C SER D 57 5.57 20.95 3.33
N ARG D 58 5.54 22.22 3.76
CA ARG D 58 6.62 22.70 4.61
C ARG D 58 6.28 22.17 5.98
N LEU D 59 4.99 22.27 6.31
CA LEU D 59 4.44 21.78 7.56
C LEU D 59 4.84 20.31 7.70
N LEU D 60 4.47 19.53 6.68
CA LEU D 60 4.77 18.10 6.63
C LEU D 60 6.26 17.75 6.78
N ARG D 61 7.14 18.48 6.10
CA ARG D 61 8.57 18.19 6.16
C ARG D 61 9.15 18.40 7.57
N VAL D 62 8.76 19.50 8.23
CA VAL D 62 9.25 19.77 9.57
C VAL D 62 8.76 18.68 10.52
N MET D 63 7.51 18.25 10.30
CA MET D 63 6.91 17.21 11.13
C MET D 63 7.74 15.95 10.98
N GLN D 64 8.18 15.67 9.76
CA GLN D 64 9.01 14.50 9.48
C GLN D 64 10.30 14.57 10.26
N CYS D 65 10.97 15.71 10.16
CA CYS D 65 12.23 15.91 10.85
C CYS D 65 12.05 15.70 12.35
N LEU D 66 11.05 16.34 12.93
CA LEU D 66 10.79 16.20 14.36
C LEU D 66 10.48 14.75 14.76
N SER D 67 9.66 14.08 13.95
CA SER D 67 9.30 12.70 14.23
C SER D 67 10.55 11.84 14.29
N ARG D 68 11.44 12.02 13.32
CA ARG D 68 12.67 11.24 13.28
C ARG D 68 13.55 11.60 14.46
N ILE D 69 13.54 12.88 14.85
CA ILE D 69 14.35 13.31 15.99
C ILE D 69 13.79 12.78 17.31
N GLU D 70 12.47 12.86 17.51
CA GLU D 70 11.87 12.38 18.75
C GLU D 70 12.07 10.87 18.95
N GLU D 71 12.45 10.17 17.88
CA GLU D 71 12.67 8.73 17.91
C GLU D 71 14.14 8.33 17.76
N GLY D 72 15.01 9.33 17.62
CA GLY D 72 16.44 9.09 17.44
C GLY D 72 17.18 8.18 18.41
N GLU D 73 16.68 8.01 19.62
CA GLU D 73 17.37 7.16 20.59
C GLU D 73 17.07 5.67 20.42
N ASN D 74 15.99 5.35 19.73
CA ASN D 74 15.62 3.97 19.44
C ASN D 74 16.32 3.70 18.12
N LEU D 75 17.39 2.92 18.13
CA LEU D 75 18.13 2.64 16.91
C LEU D 75 17.54 1.52 16.06
N ASP D 76 16.69 0.69 16.66
CA ASP D 76 16.06 -0.42 15.96
C ASP D 76 14.82 0.04 15.20
N CYS D 77 14.49 1.31 15.38
CA CYS D 77 13.35 1.93 14.72
C CYS D 77 13.85 2.49 13.39
N SER D 78 13.04 2.39 12.34
CA SER D 78 13.47 2.91 11.05
C SER D 78 12.36 3.61 10.29
N PHE D 79 12.71 4.71 9.64
CA PHE D 79 11.76 5.48 8.86
C PHE D 79 12.08 5.30 7.40
N ASP D 80 13.18 4.62 7.11
CA ASP D 80 13.52 4.39 5.72
C ASP D 80 12.81 3.11 5.30
N MET D 81 12.31 3.12 4.09
CA MET D 81 11.57 2.01 3.51
C MET D 81 12.50 0.94 2.95
N GLU D 82 13.59 1.39 2.37
CA GLU D 82 14.58 0.49 1.76
C GLU D 82 15.75 0.13 2.67
N ALA D 83 16.23 1.10 3.44
CA ALA D 83 17.40 0.84 4.26
C ALA D 83 17.26 0.75 5.78
N GLU D 84 18.35 0.29 6.38
CA GLU D 84 18.47 0.15 7.82
C GLU D 84 19.09 1.48 8.23
N LEU D 85 18.24 2.48 8.39
CA LEU D 85 18.71 3.79 8.78
C LEU D 85 18.23 4.11 10.17
N THR D 86 19.11 4.76 10.93
CA THR D 86 18.77 5.16 12.28
C THR D 86 17.89 6.38 12.05
N PRO D 87 16.99 6.68 12.99
CA PRO D 87 16.11 7.83 12.83
C PRO D 87 16.85 9.13 12.52
N LEU D 88 18.04 9.32 13.09
CA LEU D 88 18.81 10.53 12.86
C LEU D 88 19.46 10.62 11.49
N GLU D 89 19.63 9.48 10.84
CA GLU D 89 20.20 9.46 9.49
C GLU D 89 19.09 9.89 8.56
N SER D 90 17.89 9.43 8.87
CA SER D 90 16.71 9.75 8.08
C SER D 90 16.36 11.22 8.31
N ALA D 91 16.76 11.74 9.48
CA ALA D 91 16.51 13.13 9.83
C ALA D 91 17.38 14.03 8.97
N ILE D 92 18.59 13.56 8.69
CA ILE D 92 19.51 14.30 7.85
C ILE D 92 18.90 14.44 6.46
N ASN D 93 18.42 13.34 5.90
CA ASN D 93 17.81 13.35 4.58
C ASN D 93 16.62 14.29 4.51
N VAL D 94 15.81 14.32 5.56
CA VAL D 94 14.65 15.22 5.57
C VAL D 94 15.19 16.65 5.54
N LEU D 95 16.18 16.89 6.39
CA LEU D 95 16.84 18.18 6.49
C LEU D 95 17.21 18.67 5.10
N GLU D 96 17.69 17.74 4.28
CA GLU D 96 18.09 18.03 2.92
C GLU D 96 16.91 18.45 2.04
N MET D 97 15.78 17.80 2.23
CA MET D 97 14.60 18.14 1.45
C MET D 97 14.13 19.51 1.89
N ILE D 98 14.22 19.77 3.20
CA ILE D 98 13.83 21.06 3.74
C ILE D 98 14.69 22.16 3.13
N LYS D 99 16.00 21.91 3.07
CA LYS D 99 16.93 22.88 2.51
C LYS D 99 16.62 23.17 1.04
N THR D 100 16.26 22.13 0.30
CA THR D 100 15.95 22.26 -1.12
C THR D 100 14.60 22.92 -1.35
N GLU D 101 13.62 22.55 -0.53
CA GLU D 101 12.26 23.06 -0.66
C GLU D 101 11.99 24.39 0.03
N PHE D 102 12.80 24.71 1.04
CA PHE D 102 12.63 25.96 1.77
C PHE D 102 13.57 27.02 1.20
N THR D 103 14.36 26.62 0.22
CA THR D 103 15.31 27.52 -0.44
C THR D 103 16.19 28.24 0.57
N LEU D 104 16.87 27.45 1.40
CA LEU D 104 17.79 28.00 2.38
C LEU D 104 19.18 27.72 1.83
N THR D 105 20.17 28.35 2.43
CA THR D 105 21.53 28.17 1.99
C THR D 105 22.27 27.20 2.90
N GLU D 106 23.37 26.67 2.39
CA GLU D 106 24.23 25.75 3.12
C GLU D 106 24.65 26.41 4.43
N ALA D 107 24.94 27.70 4.35
CA ALA D 107 25.37 28.49 5.51
C ALA D 107 24.35 28.51 6.63
N VAL D 108 23.07 28.61 6.28
CA VAL D 108 21.98 28.66 7.24
C VAL D 108 21.67 27.28 7.83
N VAL D 109 21.90 26.25 7.02
CA VAL D 109 21.58 24.89 7.39
C VAL D 109 22.70 23.99 7.95
N GLU D 110 23.94 24.27 7.59
CA GLU D 110 25.06 23.45 8.05
C GLU D 110 25.25 23.32 9.57
N SER D 111 24.85 24.34 10.33
CA SER D 111 24.99 24.29 11.78
C SER D 111 24.04 23.32 12.47
N SER D 112 22.86 23.14 11.91
CA SER D 112 21.87 22.23 12.47
C SER D 112 22.20 20.81 12.05
N ARG D 113 22.34 20.61 10.74
CA ARG D 113 22.66 19.30 10.19
C ARG D 113 23.90 18.75 10.87
N LYS D 114 24.80 19.67 11.22
CA LYS D 114 26.05 19.32 11.88
C LYS D 114 25.70 18.71 13.22
N LEU D 115 24.74 19.35 13.88
CA LEU D 115 24.23 18.93 15.17
C LEU D 115 23.69 17.51 15.05
N VAL D 116 22.91 17.30 13.99
CA VAL D 116 22.29 16.01 13.73
C VAL D 116 23.32 14.89 13.52
N LYS D 117 24.39 15.18 12.77
CA LYS D 117 25.44 14.20 12.52
C LYS D 117 26.11 13.79 13.83
N GLU D 118 26.35 14.78 14.67
CA GLU D 118 26.98 14.59 15.96
C GLU D 118 26.16 13.65 16.84
N ALA D 119 24.92 14.02 17.10
CA ALA D 119 24.04 13.21 17.94
C ALA D 119 23.80 11.81 17.38
N ALA D 120 23.78 11.69 16.05
CA ALA D 120 23.56 10.38 15.43
C ALA D 120 24.69 9.43 15.81
N VAL D 121 25.91 9.97 15.85
CA VAL D 121 27.10 9.20 16.21
C VAL D 121 27.17 8.98 17.71
N ILE D 122 27.13 10.08 18.47
CA ILE D 122 27.19 10.02 19.93
C ILE D 122 26.19 9.00 20.44
N ILE D 123 24.96 9.11 19.96
CA ILE D 123 23.89 8.22 20.38
C ILE D 123 24.21 6.77 20.05
N CYS D 124 24.85 6.53 18.91
CA CYS D 124 25.22 5.16 18.59
C CYS D 124 26.23 4.78 19.67
N ILE D 125 27.18 5.68 19.93
CA ILE D 125 28.22 5.46 20.93
C ILE D 125 27.71 5.29 22.36
N LYS D 126 26.83 6.20 22.79
CA LYS D 126 26.24 6.18 24.12
C LYS D 126 25.51 4.84 24.24
N ASN D 127 25.41 4.17 23.10
CA ASN D 127 24.70 2.90 22.97
C ASN D 127 25.51 1.64 22.72
N LYS D 128 26.84 1.73 22.74
CA LYS D 128 27.64 0.54 22.51
C LYS D 128 27.58 0.03 21.07
N GLU D 129 26.98 0.83 20.18
CA GLU D 129 26.90 0.47 18.76
C GLU D 129 28.04 1.24 18.11
N PHE D 130 29.24 0.64 18.15
CA PHE D 130 30.46 1.26 17.65
C PHE D 130 30.78 1.24 16.16
N GLU D 131 30.18 0.30 15.43
CA GLU D 131 30.45 0.20 14.00
C GLU D 131 29.57 1.13 13.19
N LYS D 132 28.36 1.34 13.70
CA LYS D 132 27.41 2.23 13.05
C LYS D 132 27.98 3.62 13.27
N ALA D 133 28.41 3.84 14.51
CA ALA D 133 29.00 5.10 14.92
C ALA D 133 30.11 5.45 13.92
N SER D 134 30.96 4.48 13.63
CA SER D 134 32.04 4.67 12.67
C SER D 134 31.47 4.97 11.30
N LYS D 135 30.51 4.15 10.90
CA LYS D 135 29.85 4.27 9.60
C LYS D 135 29.27 5.67 9.35
N ILE D 136 28.44 6.13 10.29
CA ILE D 136 27.81 7.44 10.18
C ILE D 136 28.82 8.58 10.13
N LEU D 137 29.88 8.46 10.91
CA LEU D 137 30.94 9.47 10.96
C LEU D 137 31.73 9.54 9.66
N LYS D 138 32.03 8.39 9.07
CA LYS D 138 32.79 8.32 7.82
C LYS D 138 31.98 8.68 6.59
N LYS D 139 30.66 8.69 6.74
CA LYS D 139 29.79 9.01 5.63
C LYS D 139 29.30 10.46 5.67
N HIS D 140 29.14 10.99 6.87
CA HIS D 140 28.63 12.34 7.06
C HIS D 140 29.63 13.37 7.56
N MET D 141 30.43 13.00 8.55
CA MET D 141 31.41 13.93 9.13
C MET D 141 32.83 13.75 8.64
N SER D 142 33.14 12.57 8.11
CA SER D 142 34.47 12.28 7.58
C SER D 142 34.64 13.22 6.40
N LYS D 143 34.25 14.48 6.58
CA LYS D 143 34.31 15.38 5.47
C LYS D 143 34.74 16.81 5.67
N ASP D 144 33.85 17.62 6.22
CA ASP D 144 34.14 19.03 6.37
C ASP D 144 35.46 19.54 7.00
N PRO D 145 35.56 20.84 7.33
CA PRO D 145 36.71 21.55 7.90
C PRO D 145 36.83 21.59 9.41
N THR D 146 36.04 22.51 9.93
CA THR D 146 35.87 22.87 11.31
C THR D 146 35.38 21.73 12.19
N THR D 147 35.44 20.50 11.70
CA THR D 147 34.97 19.36 12.47
C THR D 147 36.01 18.25 12.60
N GLN D 148 37.16 18.45 11.97
CA GLN D 148 38.25 17.47 12.01
C GLN D 148 38.54 17.06 13.44
N LYS D 149 38.83 18.07 14.26
CA LYS D 149 39.15 17.87 15.67
C LYS D 149 38.11 16.92 16.28
N LEU D 150 36.85 17.12 15.90
CA LEU D 150 35.76 16.29 16.38
C LEU D 150 35.75 14.91 15.74
N ARG D 151 36.00 14.86 14.43
CA ARG D 151 36.05 13.59 13.71
C ARG D 151 37.04 12.71 14.43
N ASN D 152 38.21 13.29 14.69
CA ASN D 152 39.31 12.62 15.35
C ASN D 152 39.08 12.25 16.81
N ASP D 153 38.27 13.01 17.52
CA ASP D 153 37.99 12.68 18.91
C ASP D 153 36.90 11.62 18.97
N LEU D 154 35.84 11.81 18.19
CA LEU D 154 34.78 10.83 18.15
C LEU D 154 35.36 9.52 17.63
N LEU D 155 36.31 9.64 16.71
CA LEU D 155 36.97 8.46 16.13
C LEU D 155 37.74 7.63 17.16
N ASN D 156 38.48 8.30 18.04
CA ASN D 156 39.24 7.60 19.07
C ASN D 156 38.32 7.10 20.17
N ILE D 157 37.33 7.92 20.51
CA ILE D 157 36.35 7.56 21.54
C ILE D 157 35.76 6.22 21.14
N ILE D 158 35.68 6.00 19.83
CA ILE D 158 35.13 4.78 19.28
C ILE D 158 36.02 3.56 19.55
N ARG D 159 37.24 3.60 19.05
CA ARG D 159 38.15 2.47 19.22
C ARG D 159 38.46 2.17 20.69
N GLU D 160 38.48 3.18 21.54
CA GLU D 160 38.76 2.99 22.95
C GLU D 160 37.48 2.77 23.76
N LYS D 161 36.33 3.01 23.13
CA LYS D 161 35.03 2.83 23.76
C LYS D 161 34.85 3.77 24.94
N ASN D 162 35.50 4.93 24.85
CA ASN D 162 35.48 5.94 25.88
C ASN D 162 34.15 6.67 26.10
N LEU D 163 33.13 5.95 26.57
CA LEU D 163 31.84 6.58 26.84
C LEU D 163 32.06 7.48 28.04
N ALA D 164 33.28 7.40 28.58
CA ALA D 164 33.71 8.18 29.74
C ALA D 164 34.16 9.58 29.33
N HIS D 165 34.09 9.85 28.03
CA HIS D 165 34.53 11.11 27.44
C HIS D 165 33.62 12.34 27.60
N PRO D 166 34.20 13.51 27.93
CA PRO D 166 33.48 14.78 28.11
C PRO D 166 32.47 15.06 26.99
N VAL D 167 32.82 14.68 25.76
CA VAL D 167 31.95 14.87 24.60
C VAL D 167 30.65 14.12 24.77
N ILE D 168 30.81 12.85 25.12
CA ILE D 168 29.72 11.91 25.33
C ILE D 168 28.87 12.16 26.55
N GLN D 169 29.53 12.36 27.69
CA GLN D 169 28.84 12.57 28.95
C GLN D 169 28.06 13.87 29.04
N ASN D 170 28.59 14.93 28.44
CA ASN D 170 27.91 16.21 28.49
C ASN D 170 26.96 16.41 27.32
N PHE D 171 26.76 15.35 26.55
CA PHE D 171 25.84 15.41 25.43
C PHE D 171 24.44 15.26 26.02
N SER D 172 23.52 16.11 25.59
CA SER D 172 22.15 16.06 26.08
C SER D 172 21.17 16.02 24.91
N TYR D 173 20.51 14.88 24.73
CA TYR D 173 19.56 14.72 23.65
C TYR D 173 18.37 15.67 23.83
N GLU D 174 17.91 15.81 25.06
CA GLU D 174 16.80 16.72 25.35
C GLU D 174 17.21 18.11 24.88
N THR D 175 18.46 18.46 25.16
CA THR D 175 19.02 19.74 24.75
C THR D 175 19.08 19.75 23.23
N PHE D 176 19.48 18.63 22.65
CA PHE D 176 19.57 18.48 21.21
C PHE D 176 18.21 18.71 20.56
N GLN D 177 17.22 17.93 20.98
CA GLN D 177 15.87 18.02 20.44
C GLN D 177 15.36 19.46 20.38
N GLN D 178 15.36 20.11 21.54
CA GLN D 178 14.87 21.48 21.64
C GLN D 178 15.52 22.46 20.67
N LYS D 179 16.81 22.30 20.41
CA LYS D 179 17.51 23.18 19.47
C LYS D 179 16.97 22.95 18.06
N MET D 180 16.85 21.68 17.70
CA MET D 180 16.35 21.31 16.38
C MET D 180 14.97 21.91 16.12
N LEU D 181 14.14 21.94 17.16
CA LEU D 181 12.80 22.51 17.05
C LEU D 181 12.89 24.01 16.88
N ARG D 182 13.82 24.63 17.60
CA ARG D 182 14.03 26.07 17.51
C ARG D 182 14.44 26.39 16.10
N PHE D 183 15.35 25.58 15.56
CA PHE D 183 15.82 25.77 14.21
C PHE D 183 14.70 25.66 13.18
N LEU D 184 14.00 24.52 13.20
CA LEU D 184 12.92 24.28 12.27
C LEU D 184 11.80 25.29 12.38
N GLU D 185 11.56 25.78 13.59
CA GLU D 185 10.49 26.77 13.81
C GLU D 185 10.76 28.10 13.11
N SER D 186 12.02 28.51 13.06
CA SER D 186 12.39 29.78 12.44
C SER D 186 12.21 29.87 10.93
N HIS D 187 11.70 28.80 10.33
CA HIS D 187 11.49 28.80 8.90
C HIS D 187 10.03 28.38 8.65
N LEU D 188 9.23 28.63 9.68
CA LEU D 188 7.80 28.35 9.68
C LEU D 188 7.11 29.54 10.33
N ASP D 189 5.90 29.83 9.86
CA ASP D 189 5.12 30.92 10.42
C ASP D 189 4.85 30.55 11.87
N ASP D 190 3.89 31.26 12.44
CA ASP D 190 3.43 31.00 13.80
C ASP D 190 1.97 31.11 13.50
N ALA D 191 1.15 30.69 14.44
CA ALA D 191 -0.22 30.79 14.14
C ALA D 191 -1.14 30.37 15.18
N GLU D 192 -2.32 30.25 14.64
CA GLU D 192 -3.47 29.82 15.31
C GLU D 192 -4.14 29.34 14.06
N PRO D 193 -4.51 28.08 14.08
CA PRO D 193 -5.19 27.29 13.06
C PRO D 193 -6.67 27.61 13.22
N TYR D 194 -7.33 27.81 12.08
CA TYR D 194 -8.74 28.11 12.06
C TYR D 194 -9.49 27.36 13.14
N LEU D 195 -9.15 26.09 13.31
CA LEU D 195 -9.80 25.25 14.31
C LEU D 195 -9.61 25.76 15.73
N LEU D 196 -8.37 25.92 16.17
CA LEU D 196 -8.11 26.39 17.52
C LEU D 196 -8.77 27.76 17.76
N THR D 197 -8.74 28.61 16.75
CA THR D 197 -9.33 29.94 16.83
C THR D 197 -10.85 29.88 17.03
N MET D 198 -11.48 28.87 16.43
CA MET D 198 -12.92 28.71 16.53
C MET D 198 -13.36 28.04 17.83
N ALA D 199 -12.42 27.40 18.52
CA ALA D 199 -12.72 26.73 19.79
C ALA D 199 -12.83 27.79 20.87
N LYS D 200 -11.97 28.80 20.77
CA LYS D 200 -11.96 29.92 21.71
C LYS D 200 -13.18 30.78 21.47
N LYS D 201 -13.46 31.02 20.19
CA LYS D 201 -14.61 31.81 19.77
C LYS D 201 -15.90 31.15 20.26
N ALA D 202 -15.77 29.96 20.85
CA ALA D 202 -16.93 29.22 21.35
C ALA D 202 -16.81 28.78 22.81
N LEU D 203 -15.58 28.52 23.26
CA LEU D 203 -15.31 28.16 24.65
C LEU D 203 -15.49 29.55 25.26
N LYS D 204 -16.54 30.19 24.78
CA LYS D 204 -16.89 31.55 25.11
C LYS D 204 -18.27 31.69 25.74
N PHE E 3 7.75 -7.74 4.66
CA PHE E 3 6.35 -8.03 4.27
C PHE E 3 6.25 -8.23 2.76
N ARG E 4 5.46 -7.38 2.09
CA ARG E 4 5.39 -7.40 0.62
C ARG E 4 6.09 -6.09 0.29
N GLY E 5 6.36 -5.36 1.37
CA GLY E 5 7.06 -4.08 1.31
C GLY E 5 8.34 -4.35 0.56
N LEU E 6 8.64 -5.64 0.44
CA LEU E 6 9.79 -6.05 -0.31
C LEU E 6 9.62 -5.35 -1.66
N ALA E 7 8.38 -4.99 -1.99
CA ALA E 7 8.07 -4.29 -3.23
C ALA E 7 8.35 -2.78 -3.05
N LEU E 8 8.46 -2.35 -1.80
CA LEU E 8 8.76 -0.97 -1.48
C LEU E 8 10.21 -0.86 -1.01
N LYS E 9 10.66 -1.89 -0.29
CA LYS E 9 12.02 -1.94 0.24
C LYS E 9 13.04 -2.22 -0.85
N TYR E 10 12.63 -2.97 -1.88
CA TYR E 10 13.51 -3.30 -2.99
C TYR E 10 12.95 -2.75 -4.29
N LEU E 11 12.22 -1.65 -4.16
CA LEU E 11 11.59 -0.96 -5.28
C LEU E 11 12.45 -0.95 -6.53
N LEU E 12 12.00 -1.69 -7.55
CA LEU E 12 12.74 -1.78 -8.81
C LEU E 12 12.24 -0.79 -9.86
N THR E 13 10.99 -0.35 -9.70
CA THR E 13 10.39 0.54 -10.67
C THR E 13 10.19 1.98 -10.20
N PRO E 14 10.17 2.92 -11.15
CA PRO E 14 9.99 4.31 -10.79
C PRO E 14 8.69 4.49 -10.03
N VAL E 15 8.72 5.35 -9.02
CA VAL E 15 7.49 5.56 -8.26
C VAL E 15 6.54 6.19 -9.21
N ASN E 16 7.07 7.29 -9.67
CA ASN E 16 6.47 8.07 -10.69
C ASN E 16 5.39 7.24 -11.36
N ARG F 4 3.58 -9.90 -26.97
CA ARG F 4 3.72 -8.44 -27.08
C ARG F 4 2.36 -7.81 -27.27
N GLY F 5 1.60 -8.31 -28.23
CA GLY F 5 0.27 -7.80 -28.37
C GLY F 5 -0.38 -8.56 -27.24
N LEU F 6 0.09 -9.80 -27.09
CA LEU F 6 -0.40 -10.71 -26.05
C LEU F 6 -0.83 -9.94 -24.81
N ALA F 7 0.01 -9.02 -24.34
CA ALA F 7 -0.32 -8.22 -23.17
C ALA F 7 -1.53 -7.30 -23.39
N LEU F 8 -1.84 -7.06 -24.66
CA LEU F 8 -2.99 -6.21 -25.00
C LEU F 8 -4.12 -7.06 -25.58
N LYS F 9 -3.77 -8.19 -26.17
CA LYS F 9 -4.77 -9.09 -26.75
C LYS F 9 -5.44 -9.93 -25.65
N TYR F 10 -4.73 -10.11 -24.54
CA TYR F 10 -5.26 -10.87 -23.42
C TYR F 10 -5.22 -10.03 -22.15
N LEU F 11 -5.32 -8.71 -22.35
CA LEU F 11 -5.31 -7.75 -21.26
C LEU F 11 -6.04 -8.32 -20.06
N LEU F 12 -5.33 -8.41 -18.93
CA LEU F 12 -5.89 -8.96 -17.70
C LEU F 12 -6.15 -7.86 -16.69
N THR F 13 -5.42 -6.76 -16.82
CA THR F 13 -5.54 -5.64 -15.90
C THR F 13 -6.37 -4.49 -16.49
N PRO F 14 -6.99 -3.69 -15.61
CA PRO F 14 -7.82 -2.57 -16.07
C PRO F 14 -7.00 -1.41 -16.64
N VAL F 15 -7.63 -0.65 -17.54
CA VAL F 15 -7.02 0.51 -18.19
C VAL F 15 -7.15 1.77 -17.35
N SER G 1 4.39 1.86 23.97
CA SER G 1 4.20 1.58 25.41
C SER G 1 3.13 2.33 26.16
N GLU G 2 3.00 3.64 25.98
CA GLU G 2 2.07 4.30 26.87
C GLU G 2 0.60 4.63 26.60
N PHE G 3 0.13 5.64 27.32
CA PHE G 3 -1.28 6.02 27.43
C PHE G 3 -2.20 6.16 26.21
N ARG G 4 -2.92 5.05 26.13
CA ARG G 4 -3.92 4.63 25.15
C ARG G 4 -5.30 5.31 25.22
N GLY G 5 -5.90 5.40 26.41
CA GLY G 5 -7.20 6.07 26.56
C GLY G 5 -8.43 5.20 26.35
N LEU G 6 -9.28 5.59 25.41
CA LEU G 6 -10.49 4.84 25.10
C LEU G 6 -10.20 4.09 23.80
N ALA G 7 -8.92 3.94 23.50
CA ALA G 7 -8.48 3.27 22.29
C ALA G 7 -8.82 1.78 22.26
N LEU G 8 -8.81 1.15 23.42
CA LEU G 8 -9.12 -0.27 23.52
C LEU G 8 -10.55 -0.48 23.99
N LYS G 9 -11.04 0.47 24.77
CA LYS G 9 -12.38 0.39 25.29
C LYS G 9 -13.37 0.47 24.14
N TYR G 10 -13.03 1.28 23.14
CA TYR G 10 -13.88 1.44 21.96
C TYR G 10 -13.12 1.05 20.69
N LEU G 11 -12.27 0.03 20.81
CA LEU G 11 -11.48 -0.46 19.68
C LEU G 11 -12.30 -0.52 18.40
N LEU G 12 -11.81 0.15 17.36
CA LEU G 12 -12.48 0.17 16.07
C LEU G 12 -11.76 -0.71 15.06
N THR G 13 -10.46 -0.90 15.29
CA THR G 13 -9.63 -1.68 14.38
C THR G 13 -9.27 -3.07 14.86
N PRO G 14 -8.88 -3.95 13.92
CA PRO G 14 -8.45 -5.27 14.27
C PRO G 14 -7.08 -5.26 14.96
N VAL G 15 -6.88 -6.36 15.65
CA VAL G 15 -5.64 -6.75 16.25
C VAL G 15 -5.21 -7.68 15.08
N ASN G 16 -5.79 -8.85 14.87
CA ASN G 16 -5.45 -9.48 13.58
C ASN G 16 -4.27 -10.46 13.58
N GLY H 5 0.44 9.36 -2.08
CA GLY H 5 1.78 9.22 -1.46
C GLY H 5 2.06 10.28 -0.42
N LEU H 6 1.08 11.09 -0.06
CA LEU H 6 1.29 12.10 0.96
C LEU H 6 1.73 11.34 2.19
N ALA H 7 1.15 10.15 2.35
CA ALA H 7 1.45 9.28 3.49
C ALA H 7 2.82 8.64 3.39
N LEU H 8 3.27 8.37 2.17
CA LEU H 8 4.58 7.77 1.99
C LEU H 8 5.63 8.84 1.71
N LYS H 9 5.21 9.90 1.03
CA LYS H 9 6.10 11.00 0.69
C LYS H 9 6.43 11.87 1.90
N TYR H 10 5.45 12.06 2.77
CA TYR H 10 5.65 12.86 3.98
C TYR H 10 5.50 11.94 5.19
N LEU H 11 5.94 10.70 5.03
CA LEU H 11 5.87 9.69 6.07
C LEU H 11 6.30 10.24 7.43
N LEU H 12 5.40 10.16 8.41
CA LEU H 12 5.68 10.66 9.75
C LEU H 12 6.01 9.57 10.75
N THR H 13 5.47 8.38 10.55
CA THR H 13 5.70 7.27 11.47
C THR H 13 6.72 6.27 10.96
N PRO H 14 7.32 5.49 11.88
CA PRO H 14 8.32 4.48 11.52
C PRO H 14 7.71 3.37 10.66
N VAL H 15 8.37 3.06 9.54
CA VAL H 15 7.93 1.98 8.67
C VAL H 15 7.64 0.72 9.51
N ASN H 16 8.74 0.30 10.11
CA ASN H 16 9.02 -0.73 11.09
C ASN H 16 7.80 -1.14 11.90
#